data_7QUD
#
_entry.id   7QUD
#
_cell.length_a   1.00
_cell.length_b   1.00
_cell.length_c   1.00
_cell.angle_alpha   90.00
_cell.angle_beta   90.00
_cell.angle_gamma   90.00
#
_symmetry.space_group_name_H-M   'P 1'
#
loop_
_entity.id
_entity.type
_entity.pdbx_description
1 polymer 'Tubulin alpha-1 chain'
2 polymer 'Tubulin beta-1 chain'
3 non-polymer "GUANOSINE-5'-TRIPHOSPHATE"
4 non-polymer 'MAGNESIUM ION'
#
loop_
_entity_poly.entity_id
_entity_poly.type
_entity_poly.pdbx_seq_one_letter_code
_entity_poly.pdbx_strand_id
1 'polypeptide(L)'
;MHHHHHHEDQVDPRLIDGKGGGGRPMRECISIHVGQAGVQIGNACWELYCLEHGIQPDGQMPSDKTVGGGDDSFNTFFSE
TGAGKHVPRAVFVDLEPTVVDEVRTGTYRQLFHPEQLITGKEDAANNYARGHYTIGKEIVDLVLDRIRKLADQCTGLQGF
LIFHSFGGGTGSGFTSLLMERLSVDYGKKSKLEFAIYPAPQVSTAVVEPYNSILTTHTTLEHSDCAFMVDNEAIYDICRR
NLDIERPTYTNLNRLIGQIVSSITASLRFDGALNVDLTEFQTNLVPYPRIHFPLVTYAPVISAEKAYHEQLSVAEITNAC
FEPANQMVKCDPRHGKYMACCMLYRGDVVPKDVNAAIATIKTKRTIQFVDWCPTGFKVGINYQPPTVVPGGDLAKVQRAV
CMLSNTTAIAEAWARLDHKFDLMYAKRAFVHWYVGEGMEEGEFSEAREDLAALEKDYEEVGMDSGDGEGEGAEEY
;
A
2 'polypeptide(L)'
;MREIVHIQAGQCGNQIGAKFWEIISDEHGIDATGAYHGDSDLQLERINVYYNEASGGKYVPRAVLVDLEPGTMDSVRSGP
FGQIFRPDNFVFGQSGAGNNWAKGHYTEGAELVDSVLDVVRKEAESCDCLQGFQLTHSLGGGTGSGMGTLLISKIREEYP
DRIMNTYSVVPSPKVSDTVVEPYNATLSVHQLVENTDETYCIDNEALYDICFRTLKLTTPTYGDLNHLVSLTMSGVTTCL
RFPGQLNADLRKLAVNMVPFPRLHFFMPGFAPLTSRGSQQYRALTVPELTQQMFDAKNMMAACDPRHGRYLTVAAIFRGR
MSMKEVDEQMLNIQNKNSSYFVEWIPNNVKTAVCDIPPRGLKMSATFIGNSTAIQELFKRISEQFTAMFRRKAFLHWYTG
EGMDEMEFTEAESNMNDLVSEYQQYQEATADEDAEFEEEQEAEVDEN
;
B
#
loop_
_chem_comp.id
_chem_comp.type
_chem_comp.name
_chem_comp.formula
GTP non-polymer GUANOSINE-5'-TRIPHOSPHATE 'C10 H16 N5 O14 P3'
MG non-polymer 'MAGNESIUM ION' 'Mg 2'
#
# COMPACT_ATOMS: atom_id res chain seq x y z
N MET A 26 34.14 -12.17 -19.89
CA MET A 26 34.57 -10.90 -20.44
C MET A 26 34.24 -9.80 -19.44
N ARG A 27 33.12 -9.11 -19.64
CA ARG A 27 32.63 -8.14 -18.66
C ARG A 27 31.11 -8.25 -18.62
N GLU A 28 30.56 -8.69 -17.49
CA GLU A 28 29.15 -9.04 -17.43
C GLU A 28 28.50 -8.41 -16.19
N CYS A 29 27.21 -8.12 -16.31
CA CYS A 29 26.45 -7.54 -15.22
C CYS A 29 25.11 -8.26 -15.12
N ILE A 30 24.57 -8.29 -13.91
CA ILE A 30 23.30 -8.93 -13.60
C ILE A 30 22.34 -7.88 -13.07
N SER A 31 21.11 -7.91 -13.54
CA SER A 31 20.08 -6.98 -13.10
C SER A 31 19.12 -7.68 -12.16
N ILE A 32 18.86 -7.07 -11.01
CA ILE A 32 17.98 -7.61 -10.00
C ILE A 32 16.86 -6.61 -9.74
N HIS A 33 15.62 -7.09 -9.77
CA HIS A 33 14.45 -6.23 -9.60
C HIS A 33 13.58 -6.79 -8.50
N VAL A 34 13.29 -5.98 -7.49
CA VAL A 34 12.57 -6.41 -6.30
C VAL A 34 11.33 -5.54 -6.16
N GLY A 35 10.21 -6.18 -5.85
CA GLY A 35 8.99 -5.45 -5.55
C GLY A 35 8.36 -4.84 -6.80
N GLN A 36 7.20 -4.21 -6.59
CA GLN A 36 6.45 -3.67 -7.71
C GLN A 36 7.21 -2.54 -8.38
N ALA A 37 7.73 -1.60 -7.60
CA ALA A 37 8.44 -0.47 -8.18
C ALA A 37 9.68 -0.93 -8.94
N GLY A 38 10.44 -1.84 -8.35
CA GLY A 38 11.61 -2.36 -9.04
C GLY A 38 11.24 -3.06 -10.33
N VAL A 39 10.18 -3.87 -10.31
CA VAL A 39 9.80 -4.63 -11.49
C VAL A 39 9.34 -3.69 -12.60
N GLN A 40 8.58 -2.65 -12.27
CA GLN A 40 8.09 -1.76 -13.31
C GLN A 40 9.20 -0.88 -13.88
N ILE A 41 10.07 -0.36 -13.01
CA ILE A 41 11.25 0.35 -13.52
C ILE A 41 12.07 -0.56 -14.42
N GLY A 42 12.19 -1.83 -14.04
CA GLY A 42 12.95 -2.76 -14.87
C GLY A 42 12.30 -3.03 -16.20
N ASN A 43 10.96 -3.13 -16.21
CA ASN A 43 10.26 -3.23 -17.48
C ASN A 43 10.65 -2.08 -18.39
N ALA A 44 10.55 -0.86 -17.87
CA ALA A 44 10.86 0.31 -18.70
C ALA A 44 12.32 0.30 -19.15
N CYS A 45 13.24 -0.01 -18.23
CA CYS A 45 14.66 0.05 -18.55
C CYS A 45 15.04 -0.98 -19.60
N TRP A 46 14.54 -2.21 -19.45
CA TRP A 46 14.89 -3.25 -20.42
C TRP A 46 14.22 -3.00 -21.77
N GLU A 47 12.99 -2.46 -21.76
CA GLU A 47 12.36 -2.08 -23.01
C GLU A 47 13.19 -1.04 -23.74
N LEU A 48 13.67 -0.03 -23.02
CA LEU A 48 14.48 0.99 -23.65
C LEU A 48 15.83 0.43 -24.10
N TYR A 49 16.41 -0.49 -23.34
CA TYR A 49 17.66 -1.13 -23.74
C TYR A 49 17.49 -1.86 -25.07
N CYS A 50 16.40 -2.63 -25.19
CA CYS A 50 16.17 -3.38 -26.42
C CYS A 50 15.91 -2.43 -27.59
N LEU A 51 15.14 -1.36 -27.36
CA LEU A 51 14.91 -0.40 -28.43
C LEU A 51 16.20 0.29 -28.85
N GLU A 52 17.12 0.52 -27.92
CA GLU A 52 18.38 1.17 -28.25
C GLU A 52 19.29 0.24 -29.02
N HIS A 53 19.40 -1.01 -28.58
CA HIS A 53 20.27 -1.99 -29.22
C HIS A 53 19.63 -2.66 -30.43
N GLY A 54 18.38 -2.33 -30.75
CA GLY A 54 17.73 -2.94 -31.89
C GLY A 54 17.32 -4.37 -31.68
N ILE A 55 17.18 -4.81 -30.44
CA ILE A 55 16.77 -6.18 -30.16
C ILE A 55 15.27 -6.28 -30.30
N GLN A 56 14.81 -7.22 -31.13
CA GLN A 56 13.38 -7.42 -31.31
C GLN A 56 12.76 -7.90 -30.01
N PRO A 57 11.46 -7.65 -29.82
CA PRO A 57 10.82 -8.10 -28.58
C PRO A 57 10.93 -9.60 -28.35
N ASP A 58 10.98 -10.39 -29.42
CA ASP A 58 11.19 -11.83 -29.26
C ASP A 58 12.60 -12.15 -28.80
N GLY A 59 13.55 -11.24 -28.97
CA GLY A 59 14.92 -11.44 -28.56
C GLY A 59 15.89 -11.68 -29.70
N GLN A 60 15.40 -11.87 -30.92
CA GLN A 60 16.27 -12.15 -32.06
C GLN A 60 16.82 -10.84 -32.61
N MET A 61 18.15 -10.72 -32.62
CA MET A 61 18.80 -9.49 -33.08
C MET A 61 19.15 -9.61 -34.54
N PRO A 62 18.57 -8.77 -35.43
CA PRO A 62 18.91 -8.78 -36.85
C PRO A 62 20.34 -8.31 -37.11
N ASP A 72 30.45 -7.56 -29.85
CA ASP A 72 29.29 -6.92 -29.24
C ASP A 72 29.64 -6.31 -27.89
N SER A 73 29.88 -4.99 -27.88
CA SER A 73 30.20 -4.31 -26.62
C SER A 73 29.05 -4.36 -25.64
N PHE A 74 27.81 -4.48 -26.14
CA PHE A 74 26.62 -4.51 -25.30
C PHE A 74 26.36 -5.87 -24.69
N ASN A 75 27.15 -6.87 -25.04
CA ASN A 75 26.99 -8.22 -24.48
C ASN A 75 27.06 -8.23 -22.96
N THR A 76 27.47 -7.12 -22.33
CA THR A 76 27.52 -7.07 -20.88
C THR A 76 26.14 -7.22 -20.24
N PHE A 77 25.10 -6.78 -20.94
CA PHE A 77 23.74 -6.82 -20.41
C PHE A 77 22.85 -7.84 -21.09
N PHE A 78 23.37 -8.59 -22.07
CA PHE A 78 22.59 -9.60 -22.75
C PHE A 78 23.46 -10.82 -23.02
N SER A 79 22.90 -11.99 -22.79
CA SER A 79 23.58 -13.25 -23.06
C SER A 79 22.92 -13.92 -24.25
N GLU A 80 23.72 -14.32 -25.22
CA GLU A 80 23.22 -14.94 -26.44
C GLU A 80 23.28 -16.46 -26.33
N THR A 81 22.35 -17.13 -26.99
CA THR A 81 22.27 -18.57 -27.00
C THR A 81 22.67 -19.10 -28.37
N GLY A 82 22.59 -20.42 -28.55
CA GLY A 82 22.95 -21.02 -29.82
C GLY A 82 22.07 -20.55 -30.96
N ALA A 83 20.79 -20.33 -30.69
CA ALA A 83 19.85 -19.87 -31.70
C ALA A 83 19.94 -18.37 -31.96
N GLY A 84 20.99 -17.71 -31.48
CA GLY A 84 21.10 -16.28 -31.65
C GLY A 84 20.16 -15.47 -30.79
N LYS A 85 19.49 -16.10 -29.83
CA LYS A 85 18.53 -15.42 -28.99
C LYS A 85 19.25 -14.68 -27.87
N HIS A 86 19.14 -13.36 -27.86
CA HIS A 86 19.74 -12.54 -26.82
C HIS A 86 18.73 -12.36 -25.69
N VAL A 87 19.09 -12.81 -24.50
CA VAL A 87 18.22 -12.75 -23.34
C VAL A 87 18.86 -11.86 -22.28
N PRO A 88 18.10 -11.01 -21.60
CA PRO A 88 18.68 -10.21 -20.52
C PRO A 88 19.08 -11.06 -19.34
N ARG A 89 20.06 -10.56 -18.59
CA ARG A 89 20.47 -11.21 -17.33
C ARG A 89 19.70 -10.63 -16.16
N ALA A 90 18.38 -10.62 -16.29
CA ALA A 90 17.51 -9.90 -15.36
C ALA A 90 16.73 -10.89 -14.51
N VAL A 91 16.65 -10.60 -13.22
CA VAL A 91 15.90 -11.40 -12.26
C VAL A 91 14.75 -10.54 -11.75
N PHE A 92 13.53 -10.93 -12.09
CA PHE A 92 12.33 -10.20 -11.67
C PHE A 92 11.74 -10.93 -10.48
N VAL A 93 11.77 -10.30 -9.31
CA VAL A 93 11.41 -10.93 -8.05
C VAL A 93 10.23 -10.20 -7.45
N ASP A 94 9.27 -10.96 -6.93
CA ASP A 94 8.14 -10.38 -6.22
C ASP A 94 7.56 -11.44 -5.30
N LEU A 95 6.98 -10.98 -4.19
CA LEU A 95 6.29 -11.87 -3.26
C LEU A 95 4.82 -12.03 -3.59
N GLU A 96 4.31 -11.25 -4.54
CA GLU A 96 2.97 -11.39 -5.09
C GLU A 96 3.06 -11.35 -6.60
N PRO A 97 2.18 -12.08 -7.30
CA PRO A 97 2.40 -12.32 -8.74
C PRO A 97 1.79 -11.32 -9.69
N THR A 98 1.12 -10.27 -9.21
CA THR A 98 0.32 -9.42 -10.11
C THR A 98 1.18 -8.74 -11.16
N VAL A 99 2.23 -8.02 -10.73
CA VAL A 99 3.03 -7.27 -11.69
C VAL A 99 3.90 -8.21 -12.51
N VAL A 100 4.40 -9.29 -11.92
CA VAL A 100 5.16 -10.26 -12.69
C VAL A 100 4.28 -10.89 -13.76
N ASP A 101 3.03 -11.21 -13.41
CA ASP A 101 2.09 -11.70 -14.42
C ASP A 101 1.85 -10.65 -15.51
N GLU A 102 1.76 -9.38 -15.11
CA GLU A 102 1.70 -8.30 -16.10
C GLU A 102 2.88 -8.41 -17.06
N VAL A 103 4.05 -8.76 -16.55
CA VAL A 103 5.20 -8.96 -17.44
C VAL A 103 4.97 -10.15 -18.36
N ARG A 104 4.52 -11.28 -17.80
CA ARG A 104 4.38 -12.50 -18.59
C ARG A 104 3.30 -12.40 -19.65
N THR A 105 2.37 -11.46 -19.53
CA THR A 105 1.34 -11.26 -20.54
C THR A 105 1.62 -10.05 -21.41
N GLY A 106 2.77 -9.41 -21.25
CA GLY A 106 3.13 -8.27 -22.06
C GLY A 106 3.77 -8.69 -23.37
N THR A 107 4.07 -7.70 -24.20
CA THR A 107 4.68 -7.96 -25.50
C THR A 107 6.13 -8.42 -25.38
N TYR A 108 6.72 -8.35 -24.18
CA TYR A 108 8.06 -8.87 -23.93
C TYR A 108 8.01 -10.18 -23.16
N ARG A 109 6.94 -10.96 -23.35
CA ARG A 109 6.81 -12.22 -22.61
C ARG A 109 7.91 -13.22 -22.99
N GLN A 110 8.24 -13.31 -24.27
CA GLN A 110 9.23 -14.28 -24.72
C GLN A 110 10.66 -13.76 -24.61
N LEU A 111 10.84 -12.51 -24.22
CA LEU A 111 12.20 -11.98 -24.08
C LEU A 111 12.88 -12.52 -22.83
N PHE A 112 12.16 -12.61 -21.73
CA PHE A 112 12.71 -13.13 -20.49
C PHE A 112 12.45 -14.63 -20.38
N HIS A 113 13.32 -15.31 -19.66
CA HIS A 113 13.15 -16.74 -19.46
C HIS A 113 12.20 -17.01 -18.29
N PRO A 114 11.30 -17.99 -18.43
CA PRO A 114 10.28 -18.19 -17.39
C PRO A 114 10.84 -18.50 -16.01
N GLU A 115 12.00 -19.15 -15.91
CA GLU A 115 12.59 -19.40 -14.60
C GLU A 115 13.37 -18.22 -14.07
N GLN A 116 13.49 -17.14 -14.83
CA GLN A 116 14.10 -15.91 -14.35
C GLN A 116 13.11 -14.97 -13.67
N LEU A 117 11.84 -15.35 -13.61
CA LEU A 117 10.80 -14.52 -13.02
C LEU A 117 10.18 -15.29 -11.86
N ILE A 118 10.25 -14.72 -10.66
CA ILE A 118 9.90 -15.43 -9.43
C ILE A 118 8.73 -14.71 -8.78
N THR A 119 7.71 -15.48 -8.38
CA THR A 119 6.52 -14.94 -7.73
C THR A 119 6.34 -15.60 -6.38
N GLY A 120 5.20 -15.30 -5.76
CA GLY A 120 4.84 -15.87 -4.48
C GLY A 120 3.35 -15.72 -4.26
N LYS A 121 2.87 -16.35 -3.19
CA LYS A 121 1.45 -16.30 -2.87
C LYS A 121 1.12 -15.29 -1.78
N GLU A 122 2.10 -14.85 -1.00
CA GLU A 122 1.87 -13.89 0.06
C GLU A 122 2.93 -12.79 0.00
N ASP A 123 2.48 -11.54 0.11
CA ASP A 123 3.36 -10.40 0.14
C ASP A 123 3.60 -9.97 1.59
N ALA A 124 4.24 -8.82 1.77
CA ALA A 124 4.59 -8.33 3.10
C ALA A 124 3.60 -7.30 3.63
N ALA A 125 2.72 -6.76 2.79
CA ALA A 125 1.73 -5.77 3.18
C ALA A 125 2.39 -4.53 3.78
N ASN A 126 3.26 -3.91 2.99
CA ASN A 126 3.90 -2.64 3.33
C ASN A 126 4.72 -2.72 4.61
N ASN A 127 5.28 -3.90 4.90
CA ASN A 127 5.97 -4.14 6.17
C ASN A 127 7.35 -4.68 5.90
N TYR A 128 8.38 -3.94 6.33
CA TYR A 128 9.75 -4.39 6.16
C TYR A 128 10.02 -5.66 6.94
N ALA A 129 9.40 -5.79 8.12
CA ALA A 129 9.61 -6.97 8.94
C ALA A 129 9.13 -8.24 8.23
N ARG A 130 7.96 -8.17 7.59
CA ARG A 130 7.43 -9.35 6.90
C ARG A 130 8.29 -9.71 5.70
N GLY A 131 8.71 -8.72 4.92
CA GLY A 131 9.54 -9.01 3.77
C GLY A 131 10.90 -9.55 4.16
N HIS A 132 11.48 -9.03 5.23
CA HIS A 132 12.84 -9.40 5.59
C HIS A 132 12.88 -10.69 6.40
N TYR A 133 11.99 -10.83 7.37
CA TYR A 133 12.05 -11.93 8.31
C TYR A 133 11.06 -13.05 8.00
N THR A 134 9.78 -12.75 7.85
CA THR A 134 8.80 -13.82 7.73
C THR A 134 8.74 -14.35 6.29
N ILE A 135 8.32 -13.51 5.35
CA ILE A 135 8.04 -14.00 4.00
C ILE A 135 9.34 -14.29 3.26
N GLY A 136 10.38 -13.49 3.49
CA GLY A 136 11.60 -13.62 2.72
C GLY A 136 12.32 -14.95 2.89
N LYS A 137 12.12 -15.62 4.03
CA LYS A 137 12.82 -16.89 4.27
C LYS A 137 12.43 -17.95 3.25
N GLU A 138 11.14 -18.04 2.92
CA GLU A 138 10.66 -19.12 2.06
C GLU A 138 11.07 -18.94 0.61
N ILE A 139 11.53 -17.75 0.22
CA ILE A 139 11.78 -17.45 -1.19
C ILE A 139 13.21 -17.04 -1.46
N VAL A 140 13.98 -16.64 -0.45
CA VAL A 140 15.34 -16.16 -0.72
C VAL A 140 16.22 -17.28 -1.27
N ASP A 141 16.02 -18.52 -0.80
CA ASP A 141 16.83 -19.62 -1.28
C ASP A 141 16.61 -19.86 -2.76
N LEU A 142 15.34 -19.90 -3.18
CA LEU A 142 15.04 -20.06 -4.60
C LEU A 142 15.58 -18.90 -5.41
N VAL A 143 15.44 -17.68 -4.90
CA VAL A 143 15.95 -16.52 -5.62
C VAL A 143 17.46 -16.63 -5.82
N LEU A 144 18.18 -16.93 -4.73
CA LEU A 144 19.63 -17.03 -4.81
C LEU A 144 20.06 -18.14 -5.75
N ASP A 145 19.31 -19.24 -5.76
CA ASP A 145 19.61 -20.30 -6.73
C ASP A 145 19.45 -19.79 -8.15
N ARG A 146 18.42 -18.97 -8.40
CA ARG A 146 18.23 -18.44 -9.74
C ARG A 146 19.38 -17.52 -10.15
N ILE A 147 19.84 -16.66 -9.23
CA ILE A 147 21.04 -15.87 -9.55
C ILE A 147 22.26 -16.77 -9.75
N ARG A 148 22.35 -17.88 -9.02
CA ARG A 148 23.49 -18.78 -9.22
C ARG A 148 23.49 -19.38 -10.62
N LYS A 149 22.31 -19.83 -11.09
CA LYS A 149 22.24 -20.34 -12.46
C LYS A 149 22.55 -19.24 -13.46
N LEU A 150 22.08 -18.01 -13.21
CA LEU A 150 22.39 -16.92 -14.11
C LEU A 150 23.89 -16.64 -14.15
N ALA A 151 24.56 -16.76 -13.01
CA ALA A 151 25.98 -16.44 -12.91
C ALA A 151 26.85 -17.53 -13.53
N ASP A 152 26.42 -18.79 -13.46
CA ASP A 152 27.21 -19.85 -14.09
C ASP A 152 27.30 -19.70 -15.59
N GLN A 153 26.45 -18.87 -16.20
CA GLN A 153 26.60 -18.51 -17.60
C GLN A 153 27.46 -17.27 -17.79
N CYS A 154 28.05 -16.75 -16.72
CA CYS A 154 28.85 -15.55 -16.75
C CYS A 154 30.29 -15.89 -16.36
N THR A 155 31.24 -15.13 -16.94
CA THR A 155 32.65 -15.32 -16.62
C THR A 155 33.33 -14.07 -16.08
N GLY A 156 32.77 -12.88 -16.30
CA GLY A 156 33.42 -11.64 -15.91
C GLY A 156 32.54 -10.69 -15.14
N LEU A 157 31.72 -11.24 -14.24
CA LEU A 157 30.75 -10.43 -13.52
C LEU A 157 31.42 -9.33 -12.71
N GLN A 158 30.92 -8.10 -12.85
CA GLN A 158 31.32 -7.05 -11.93
C GLN A 158 30.40 -6.98 -10.72
N GLY A 159 29.10 -7.20 -10.91
CA GLY A 159 28.19 -7.11 -9.81
C GLY A 159 26.74 -7.06 -10.29
N PHE A 160 25.88 -6.53 -9.41
CA PHE A 160 24.45 -6.51 -9.63
C PHE A 160 23.93 -5.08 -9.58
N LEU A 161 22.88 -4.82 -10.37
CA LEU A 161 22.21 -3.53 -10.42
C LEU A 161 20.80 -3.72 -9.87
N ILE A 162 20.64 -3.52 -8.57
CA ILE A 162 19.40 -3.87 -7.88
C ILE A 162 18.44 -2.69 -7.95
N PHE A 163 17.24 -2.93 -8.48
CA PHE A 163 16.19 -1.93 -8.51
C PHE A 163 15.18 -2.25 -7.43
N HIS A 164 14.86 -1.26 -6.60
CA HIS A 164 13.90 -1.47 -5.53
C HIS A 164 13.44 -0.10 -5.05
N SER A 165 12.61 -0.11 -4.00
CA SER A 165 12.04 1.10 -3.44
C SER A 165 12.16 1.06 -1.93
N PHE A 166 11.66 2.12 -1.29
CA PHE A 166 11.80 2.32 0.14
C PHE A 166 10.50 2.15 0.91
N GLY A 167 9.35 2.44 0.29
CA GLY A 167 8.09 2.36 1.00
C GLY A 167 7.48 0.98 1.03
N GLY A 168 8.03 0.04 0.28
CA GLY A 168 7.42 -1.27 0.18
C GLY A 168 8.00 -2.26 1.18
N GLY A 169 7.13 -3.18 1.62
CA GLY A 169 7.59 -4.25 2.48
C GLY A 169 8.52 -5.21 1.75
N THR A 170 8.14 -5.61 0.53
CA THR A 170 9.05 -6.42 -0.28
C THR A 170 10.29 -5.64 -0.64
N GLY A 171 10.12 -4.46 -1.22
CA GLY A 171 11.20 -3.66 -1.75
C GLY A 171 12.22 -3.22 -0.73
N SER A 172 11.89 -3.31 0.56
CA SER A 172 12.86 -3.05 1.61
C SER A 172 13.35 -4.35 2.25
N GLY A 173 12.43 -5.19 2.72
CA GLY A 173 12.85 -6.38 3.44
C GLY A 173 13.61 -7.37 2.58
N PHE A 174 13.04 -7.75 1.44
CA PHE A 174 13.71 -8.75 0.63
C PHE A 174 14.95 -8.18 -0.03
N THR A 175 14.92 -6.89 -0.39
CA THR A 175 16.12 -6.25 -0.90
C THR A 175 17.24 -6.30 0.12
N SER A 176 16.93 -6.04 1.39
CA SER A 176 17.95 -6.09 2.43
C SER A 176 18.49 -7.50 2.63
N LEU A 177 17.59 -8.49 2.68
CA LEU A 177 18.06 -9.86 2.88
C LEU A 177 18.91 -10.34 1.71
N LEU A 178 18.49 -9.98 0.49
CA LEU A 178 19.28 -10.32 -0.69
C LEU A 178 20.64 -9.65 -0.66
N MET A 179 20.69 -8.38 -0.25
CA MET A 179 21.97 -7.70 -0.07
C MET A 179 22.88 -8.49 0.86
N GLU A 180 22.35 -8.84 2.03
CA GLU A 180 23.19 -9.52 3.02
C GLU A 180 23.68 -10.86 2.49
N ARG A 181 22.77 -11.64 1.90
CA ARG A 181 23.17 -12.98 1.45
C ARG A 181 24.13 -12.91 0.27
N LEU A 182 23.96 -11.92 -0.61
CA LEU A 182 24.89 -11.76 -1.72
C LEU A 182 26.27 -11.33 -1.23
N SER A 183 26.31 -10.44 -0.24
CA SER A 183 27.60 -10.06 0.33
C SER A 183 28.28 -11.25 0.97
N VAL A 184 27.50 -12.13 1.63
CA VAL A 184 28.08 -13.35 2.18
C VAL A 184 28.56 -14.27 1.07
N ASP A 185 27.84 -14.29 -0.06
CA ASP A 185 28.12 -15.22 -1.15
C ASP A 185 29.06 -14.63 -2.20
N TYR A 186 29.00 -13.34 -2.46
CA TYR A 186 29.78 -12.67 -3.49
C TYR A 186 30.57 -11.51 -2.89
N GLY A 187 31.28 -11.79 -1.80
CA GLY A 187 31.93 -10.72 -1.05
C GLY A 187 32.91 -9.92 -1.87
N LYS A 188 33.63 -10.59 -2.78
CA LYS A 188 34.50 -9.87 -3.69
C LYS A 188 33.72 -8.96 -4.62
N LYS A 189 32.51 -9.36 -5.01
CA LYS A 189 31.76 -8.65 -6.03
C LYS A 189 31.23 -7.32 -5.51
N SER A 190 30.95 -6.41 -6.44
CA SER A 190 30.40 -5.10 -6.15
C SER A 190 28.89 -5.11 -6.32
N LYS A 191 28.23 -4.09 -5.77
CA LYS A 191 26.79 -4.00 -5.82
C LYS A 191 26.36 -2.54 -5.87
N LEU A 192 25.25 -2.28 -6.56
CA LEU A 192 24.68 -0.95 -6.66
C LEU A 192 23.17 -1.03 -6.42
N GLU A 193 22.60 0.08 -5.98
CA GLU A 193 21.16 0.21 -5.87
C GLU A 193 20.66 1.26 -6.84
N PHE A 194 19.39 1.15 -7.21
CA PHE A 194 18.64 2.23 -7.83
C PHE A 194 17.34 2.33 -7.04
N ALA A 195 17.44 3.01 -5.90
CA ALA A 195 16.34 3.06 -4.95
C ALA A 195 15.38 4.20 -5.28
N ILE A 196 14.17 4.08 -4.78
CA ILE A 196 13.10 5.02 -5.05
C ILE A 196 12.71 5.69 -3.74
N TYR A 197 12.86 7.01 -3.69
CA TYR A 197 12.54 7.78 -2.51
C TYR A 197 11.03 8.02 -2.43
N PRO A 198 10.40 7.68 -1.32
CA PRO A 198 8.94 7.84 -1.22
C PRO A 198 8.52 9.30 -1.26
N ALA A 199 7.35 9.54 -1.88
CA ALA A 199 6.75 10.86 -2.01
C ALA A 199 5.26 10.77 -1.72
N PRO A 200 4.70 11.76 -1.01
CA PRO A 200 3.31 11.61 -0.53
C PRO A 200 2.27 11.44 -1.63
N GLN A 201 2.44 12.10 -2.77
CA GLN A 201 1.40 12.09 -3.80
C GLN A 201 1.15 10.68 -4.31
N VAL A 202 2.21 9.92 -4.54
CA VAL A 202 2.10 8.55 -5.02
C VAL A 202 2.32 7.54 -3.90
N SER A 203 2.47 8.01 -2.67
CA SER A 203 2.69 7.10 -1.56
C SER A 203 1.47 6.22 -1.32
N THR A 204 1.72 5.01 -0.85
CA THR A 204 0.66 4.04 -0.59
C THR A 204 0.47 3.72 0.88
N ALA A 205 1.51 3.82 1.69
CA ALA A 205 1.44 3.44 3.09
C ALA A 205 1.91 4.59 3.96
N VAL A 206 1.46 4.58 5.21
CA VAL A 206 1.88 5.60 6.19
C VAL A 206 3.20 5.25 6.84
N VAL A 207 3.68 4.02 6.69
CA VAL A 207 4.87 3.55 7.38
C VAL A 207 6.10 3.63 6.49
N GLU A 208 6.04 4.40 5.40
CA GLU A 208 7.17 4.51 4.49
C GLU A 208 8.47 4.92 5.18
N PRO A 209 8.49 5.94 6.06
CA PRO A 209 9.75 6.25 6.75
C PRO A 209 10.29 5.10 7.57
N TYR A 210 9.42 4.30 8.17
CA TYR A 210 9.88 3.13 8.92
C TYR A 210 10.70 2.22 8.03
N ASN A 211 10.14 1.80 6.90
CA ASN A 211 10.85 0.88 6.03
C ASN A 211 12.08 1.52 5.43
N SER A 212 12.00 2.81 5.11
CA SER A 212 13.16 3.51 4.55
C SER A 212 14.33 3.49 5.53
N ILE A 213 14.09 3.85 6.79
CA ILE A 213 15.15 3.86 7.78
C ILE A 213 15.68 2.45 8.01
N LEU A 214 14.79 1.47 8.09
CA LEU A 214 15.23 0.11 8.37
C LEU A 214 16.11 -0.43 7.23
N THR A 215 15.65 -0.29 5.99
CA THR A 215 16.42 -0.77 4.86
C THR A 215 17.73 -0.02 4.70
N THR A 216 17.73 1.29 4.92
CA THR A 216 18.98 2.03 4.83
C THR A 216 19.97 1.57 5.88
N HIS A 217 19.52 1.41 7.12
CA HIS A 217 20.42 0.98 8.17
C HIS A 217 21.02 -0.38 7.87
N THR A 218 20.19 -1.31 7.38
CA THR A 218 20.73 -2.64 7.16
C THR A 218 21.57 -2.72 5.88
N THR A 219 21.27 -1.90 4.88
CA THR A 219 21.89 -1.98 3.57
C THR A 219 23.14 -1.12 3.44
N LEU A 220 23.34 -0.15 4.35
CA LEU A 220 24.44 0.80 4.17
C LEU A 220 25.79 0.10 4.08
N GLU A 221 25.92 -1.08 4.67
CA GLU A 221 27.22 -1.75 4.71
C GLU A 221 27.49 -2.56 3.46
N HIS A 222 26.46 -3.05 2.79
CA HIS A 222 26.62 -4.02 1.72
C HIS A 222 26.47 -3.41 0.34
N SER A 223 26.51 -2.09 0.22
CA SER A 223 26.31 -1.42 -1.05
C SER A 223 27.45 -0.46 -1.33
N ASP A 224 27.73 -0.24 -2.61
CA ASP A 224 28.80 0.64 -3.02
C ASP A 224 28.33 1.99 -3.52
N CYS A 225 27.14 2.07 -4.12
CA CYS A 225 26.65 3.33 -4.66
C CYS A 225 25.15 3.22 -4.86
N ALA A 226 24.40 4.15 -4.27
CA ALA A 226 22.95 4.15 -4.36
C ALA A 226 22.49 5.38 -5.13
N PHE A 227 21.67 5.15 -6.16
CA PHE A 227 21.11 6.24 -6.95
C PHE A 227 19.66 6.43 -6.55
N MET A 228 19.47 7.14 -5.45
CA MET A 228 18.13 7.44 -4.96
C MET A 228 17.41 8.35 -5.94
N VAL A 229 16.12 8.12 -6.13
CA VAL A 229 15.30 8.95 -7.00
C VAL A 229 14.02 9.31 -6.26
N ASP A 230 13.72 10.60 -6.21
CA ASP A 230 12.56 11.11 -5.48
C ASP A 230 11.35 11.15 -6.40
N ASN A 231 10.26 10.52 -5.98
CA ASN A 231 9.06 10.53 -6.81
C ASN A 231 8.46 11.91 -6.92
N GLU A 232 8.64 12.76 -5.90
CA GLU A 232 8.11 14.11 -6.01
C GLU A 232 8.86 14.90 -7.08
N ALA A 233 10.17 14.68 -7.20
CA ALA A 233 10.93 15.36 -8.25
C ALA A 233 10.46 14.92 -9.63
N ILE A 234 10.30 13.62 -9.85
CA ILE A 234 9.85 13.13 -11.15
C ILE A 234 8.44 13.61 -11.43
N TYR A 235 7.58 13.57 -10.41
CA TYR A 235 6.21 14.07 -10.55
C TYR A 235 6.21 15.53 -10.98
N ASP A 236 7.04 16.36 -10.34
CA ASP A 236 7.12 17.77 -10.69
C ASP A 236 7.64 17.96 -12.09
N ILE A 237 8.65 17.18 -12.50
CA ILE A 237 9.19 17.31 -13.85
C ILE A 237 8.13 16.97 -14.88
N CYS A 238 7.37 15.91 -14.63
CA CYS A 238 6.31 15.53 -15.55
C CYS A 238 5.23 16.61 -15.62
N ARG A 239 4.87 17.19 -14.47
CA ARG A 239 3.85 18.24 -14.45
C ARG A 239 4.32 19.49 -15.16
N ARG A 240 5.58 19.88 -14.97
CA ARG A 240 6.08 21.15 -15.45
C ARG A 240 6.69 21.05 -16.85
N ASN A 241 7.72 20.22 -17.01
CA ASN A 241 8.38 20.13 -18.30
C ASN A 241 7.55 19.36 -19.30
N LEU A 242 6.92 18.26 -18.87
CA LEU A 242 6.14 17.42 -19.76
C LEU A 242 4.66 17.80 -19.80
N ASP A 243 4.22 18.71 -18.93
CA ASP A 243 2.86 19.24 -18.96
C ASP A 243 1.82 18.12 -18.89
N ILE A 244 2.09 17.12 -18.05
CA ILE A 244 1.14 16.05 -17.80
C ILE A 244 0.32 16.42 -16.57
N GLU A 245 -1.01 16.42 -16.73
CA GLU A 245 -1.88 16.90 -15.66
C GLU A 245 -1.81 15.97 -14.44
N ARG A 246 -1.96 14.67 -14.66
CA ARG A 246 -1.87 13.67 -13.60
C ARG A 246 -0.89 12.57 -14.03
N PRO A 247 0.39 12.78 -13.82
CA PRO A 247 1.37 11.75 -14.17
C PRO A 247 1.16 10.47 -13.38
N THR A 248 0.76 9.40 -14.05
CA THR A 248 0.64 8.11 -13.40
C THR A 248 1.99 7.40 -13.42
N TYR A 249 2.00 6.16 -12.93
CA TYR A 249 3.27 5.46 -12.75
C TYR A 249 3.98 5.22 -14.07
N THR A 250 3.24 5.11 -15.17
CA THR A 250 3.87 4.83 -16.46
C THR A 250 4.87 5.91 -16.84
N ASN A 251 4.47 7.17 -16.69
CA ASN A 251 5.36 8.28 -17.02
C ASN A 251 6.58 8.28 -16.11
N LEU A 252 6.37 8.04 -14.82
CA LEU A 252 7.49 8.02 -13.88
C LEU A 252 8.49 6.94 -14.27
N ASN A 253 8.02 5.73 -14.53
CA ASN A 253 8.95 4.66 -14.89
C ASN A 253 9.63 4.94 -16.21
N ARG A 254 8.94 5.58 -17.15
CA ARG A 254 9.58 5.90 -18.43
C ARG A 254 10.73 6.88 -18.21
N LEU A 255 10.48 7.95 -17.45
CA LEU A 255 11.55 8.90 -17.20
C LEU A 255 12.70 8.25 -16.42
N ILE A 256 12.37 7.48 -15.39
CA ILE A 256 13.39 6.82 -14.61
C ILE A 256 14.20 5.87 -15.47
N GLY A 257 13.56 5.20 -16.42
CA GLY A 257 14.30 4.39 -17.37
C GLY A 257 15.25 5.22 -18.20
N GLN A 258 14.82 6.42 -18.59
CA GLN A 258 15.72 7.30 -19.34
C GLN A 258 16.97 7.61 -18.53
N ILE A 259 16.80 8.03 -17.27
CA ILE A 259 17.98 8.35 -16.46
C ILE A 259 18.85 7.11 -16.21
N VAL A 260 18.23 5.97 -15.90
CA VAL A 260 19.01 4.77 -15.62
C VAL A 260 19.80 4.35 -16.84
N SER A 261 19.18 4.39 -18.02
CA SER A 261 19.88 4.05 -19.25
C SER A 261 21.02 5.02 -19.51
N SER A 262 20.79 6.32 -19.29
CA SER A 262 21.86 7.29 -19.49
C SER A 262 23.01 7.03 -18.54
N ILE A 263 22.72 6.54 -17.33
CA ILE A 263 23.79 6.21 -16.39
C ILE A 263 24.58 5.00 -16.87
N THR A 264 23.88 3.95 -17.30
CA THR A 264 24.52 2.69 -17.64
C THR A 264 25.07 2.64 -19.07
N ALA A 265 24.87 3.70 -19.85
CA ALA A 265 25.37 3.70 -21.22
C ALA A 265 26.87 3.44 -21.27
N SER A 266 27.62 3.97 -20.30
CA SER A 266 29.07 3.74 -20.29
C SER A 266 29.39 2.27 -20.14
N LEU A 267 28.59 1.54 -19.35
CA LEU A 267 28.74 0.09 -19.26
C LEU A 267 28.30 -0.61 -20.54
N ARG A 268 27.33 -0.03 -21.25
CA ARG A 268 26.73 -0.72 -22.38
C ARG A 268 27.22 -0.25 -23.74
N PHE A 269 27.83 0.94 -23.83
CA PHE A 269 28.27 1.48 -25.11
C PHE A 269 29.79 1.56 -25.24
N ASP A 270 30.53 0.87 -24.36
CA ASP A 270 31.99 0.85 -24.40
C ASP A 270 32.57 2.26 -24.37
N GLY A 271 32.30 2.95 -23.27
CA GLY A 271 32.74 4.31 -23.09
C GLY A 271 34.15 4.42 -22.58
N ALA A 272 34.62 5.66 -22.46
CA ALA A 272 35.97 5.96 -22.01
C ALA A 272 36.05 6.24 -20.51
N LEU A 273 34.93 6.19 -19.80
CA LEU A 273 34.90 6.45 -18.36
C LEU A 273 33.80 5.62 -17.73
N ASN A 274 33.97 5.28 -16.46
CA ASN A 274 33.04 4.43 -15.72
C ASN A 274 32.87 3.08 -16.42
N VAL A 275 33.99 2.48 -16.84
CA VAL A 275 33.94 1.32 -17.70
C VAL A 275 33.33 0.12 -16.98
N ASP A 276 33.57 -0.03 -15.68
CA ASP A 276 33.02 -1.15 -14.91
C ASP A 276 32.30 -0.60 -13.68
N LEU A 277 31.71 -1.51 -12.92
CA LEU A 277 30.96 -1.10 -11.74
C LEU A 277 31.88 -0.60 -10.63
N THR A 278 33.14 -1.04 -10.61
CA THR A 278 34.07 -0.55 -9.59
C THR A 278 34.45 0.90 -9.83
N GLU A 279 34.48 1.33 -11.09
CA GLU A 279 34.90 2.70 -11.38
C GLU A 279 33.87 3.72 -10.91
N PHE A 280 32.58 3.38 -10.93
CA PHE A 280 31.58 4.18 -10.24
C PHE A 280 32.02 4.53 -8.83
N GLN A 281 32.20 3.54 -7.97
CA GLN A 281 32.52 3.83 -6.59
C GLN A 281 33.90 4.46 -6.44
N THR A 282 34.81 4.18 -7.38
CA THR A 282 36.13 4.81 -7.32
C THR A 282 36.05 6.31 -7.58
N ASN A 283 35.20 6.72 -8.53
CA ASN A 283 35.13 8.12 -8.93
C ASN A 283 34.10 8.93 -8.14
N LEU A 284 33.09 8.27 -7.55
CA LEU A 284 31.96 8.96 -6.96
C LEU A 284 31.81 8.71 -5.47
N VAL A 285 32.41 7.65 -4.94
CA VAL A 285 32.23 7.31 -3.53
C VAL A 285 33.61 7.24 -2.89
N PRO A 286 34.17 8.38 -2.48
CA PRO A 286 35.52 8.38 -1.92
C PRO A 286 35.61 7.90 -0.49
N TYR A 287 34.49 7.63 0.17
CA TYR A 287 34.50 7.15 1.54
C TYR A 287 33.41 6.11 1.73
N PRO A 288 33.59 5.19 2.68
CA PRO A 288 32.64 4.08 2.83
C PRO A 288 31.19 4.51 3.02
N ARG A 289 30.92 5.28 4.08
CA ARG A 289 29.54 5.55 4.45
C ARG A 289 28.82 6.42 3.42
N ILE A 290 29.46 7.48 2.95
CA ILE A 290 28.81 8.49 2.12
C ILE A 290 28.86 8.00 0.68
N HIS A 291 27.87 7.20 0.30
CA HIS A 291 27.80 6.62 -1.03
C HIS A 291 26.48 6.97 -1.71
N PHE A 292 26.07 8.23 -1.62
CA PHE A 292 24.79 8.67 -2.15
C PHE A 292 24.98 9.84 -3.10
N PRO A 293 25.18 9.57 -4.38
CA PRO A 293 25.32 10.65 -5.36
C PRO A 293 23.99 11.31 -5.67
N LEU A 294 24.09 12.53 -6.20
CA LEU A 294 22.96 13.29 -6.73
C LEU A 294 23.00 13.25 -8.24
N VAL A 295 21.91 12.80 -8.86
CA VAL A 295 21.86 12.59 -10.30
C VAL A 295 20.94 13.61 -10.93
N THR A 296 21.39 14.19 -12.04
CA THR A 296 20.68 15.22 -12.77
C THR A 296 20.63 14.85 -14.24
N TYR A 297 19.49 15.07 -14.88
CA TYR A 297 19.36 14.76 -16.30
C TYR A 297 18.84 15.98 -17.03
N ALA A 298 19.47 16.30 -18.17
CA ALA A 298 19.03 17.43 -18.97
C ALA A 298 19.17 17.08 -20.45
N PRO A 299 18.31 17.63 -21.30
CA PRO A 299 17.10 18.38 -20.93
C PRO A 299 15.86 17.51 -21.02
N VAL A 300 14.72 18.05 -20.64
CA VAL A 300 13.44 17.33 -20.70
C VAL A 300 12.48 18.16 -21.52
N ILE A 301 12.03 17.61 -22.65
CA ILE A 301 11.17 18.32 -23.58
C ILE A 301 9.97 17.44 -23.91
N SER A 302 8.77 18.01 -23.79
CA SER A 302 7.56 17.25 -24.05
C SER A 302 7.48 16.85 -25.52
N ALA A 303 6.87 15.69 -25.76
CA ALA A 303 6.74 15.20 -27.14
C ALA A 303 5.91 16.17 -27.98
N GLU A 304 4.87 16.74 -27.39
CA GLU A 304 4.05 17.72 -28.11
C GLU A 304 4.84 18.97 -28.46
N LYS A 305 5.95 19.22 -27.77
CA LYS A 305 6.90 20.25 -28.17
C LYS A 305 7.99 19.67 -29.07
N ALA A 306 7.56 18.96 -30.11
CA ALA A 306 8.52 18.40 -31.06
C ALA A 306 9.18 19.47 -31.91
N TYR A 307 8.52 20.62 -32.10
CA TYR A 307 9.06 21.72 -32.87
C TYR A 307 10.15 22.49 -32.12
N HIS A 308 10.60 21.96 -30.98
CA HIS A 308 11.64 22.60 -30.20
C HIS A 308 12.93 22.71 -31.00
N GLU A 309 13.53 23.89 -30.96
CA GLU A 309 14.88 24.07 -31.47
C GLU A 309 15.87 23.30 -30.60
N GLN A 310 16.95 22.85 -31.21
CA GLN A 310 17.93 22.03 -30.49
C GLN A 310 18.67 22.88 -29.47
N LEU A 311 18.63 22.44 -28.21
CA LEU A 311 19.29 23.17 -27.14
C LEU A 311 20.80 22.98 -27.24
N SER A 312 21.53 24.09 -27.19
CA SER A 312 22.97 24.04 -27.38
C SER A 312 23.65 23.39 -26.18
N VAL A 313 24.94 23.09 -26.35
CA VAL A 313 25.70 22.48 -25.27
C VAL A 313 25.76 23.39 -24.06
N ALA A 314 25.95 24.70 -24.29
CA ALA A 314 25.97 25.65 -23.18
C ALA A 314 24.65 25.69 -22.44
N GLU A 315 23.54 25.67 -23.18
CA GLU A 315 22.22 25.77 -22.54
C GLU A 315 21.93 24.57 -21.67
N ILE A 316 22.19 23.37 -22.18
CA ILE A 316 21.97 22.16 -21.37
C ILE A 316 22.97 22.08 -20.24
N THR A 317 24.21 22.53 -20.45
CA THR A 317 25.19 22.56 -19.36
C THR A 317 24.71 23.45 -18.23
N ASN A 318 24.15 24.60 -18.57
CA ASN A 318 23.58 25.47 -17.54
C ASN A 318 22.36 24.82 -16.89
N ALA A 319 21.53 24.15 -17.69
CA ALA A 319 20.36 23.47 -17.13
C ALA A 319 20.76 22.38 -16.14
N CYS A 320 21.95 21.81 -16.33
CA CYS A 320 22.42 20.75 -15.42
C CYS A 320 22.43 21.24 -13.98
N PHE A 321 22.87 22.47 -13.75
CA PHE A 321 23.03 23.00 -12.40
C PHE A 321 21.80 23.75 -11.91
N GLU A 322 20.76 23.85 -12.73
CA GLU A 322 19.53 24.46 -12.26
C GLU A 322 18.82 23.53 -11.28
N PRO A 323 18.45 24.01 -10.10
CA PRO A 323 17.83 23.11 -9.10
C PRO A 323 16.46 22.59 -9.50
N ALA A 324 15.88 23.10 -10.58
CA ALA A 324 14.56 22.65 -11.00
C ALA A 324 14.60 21.37 -11.83
N ASN A 325 15.77 20.84 -12.13
CA ASN A 325 15.93 19.67 -12.98
C ASN A 325 16.79 18.61 -12.29
N GLN A 326 16.49 18.30 -11.05
CA GLN A 326 17.23 17.31 -10.28
C GLN A 326 16.32 16.18 -9.82
N MET A 327 16.86 14.97 -9.80
CA MET A 327 16.10 13.79 -9.42
C MET A 327 15.83 13.71 -7.92
N VAL A 328 16.66 14.34 -7.09
CA VAL A 328 16.42 14.39 -5.65
C VAL A 328 16.37 15.87 -5.24
N LYS A 329 15.32 16.24 -4.51
CA LYS A 329 15.12 17.63 -4.15
C LYS A 329 16.11 18.05 -3.07
N CYS A 330 17.01 18.96 -3.42
CA CYS A 330 18.01 19.49 -2.50
C CYS A 330 18.63 20.72 -3.14
N ASP A 331 19.48 21.40 -2.39
CA ASP A 331 20.14 22.62 -2.86
C ASP A 331 21.65 22.42 -2.87
N PRO A 332 22.23 22.04 -4.01
CA PRO A 332 23.70 21.95 -4.08
C PRO A 332 24.40 23.28 -3.83
N ARG A 333 23.72 24.40 -4.07
CA ARG A 333 24.30 25.70 -3.78
C ARG A 333 24.66 25.82 -2.31
N HIS A 334 23.85 25.21 -1.44
CA HIS A 334 23.99 25.35 0.00
C HIS A 334 24.84 24.25 0.62
N GLY A 335 25.41 23.35 -0.19
CA GLY A 335 26.28 22.31 0.30
C GLY A 335 27.63 22.36 -0.39
N LYS A 336 28.54 21.50 0.08
CA LYS A 336 29.89 21.41 -0.45
C LYS A 336 30.07 20.10 -1.20
N TYR A 337 30.58 20.20 -2.42
CA TYR A 337 30.73 19.03 -3.28
C TYR A 337 31.80 18.09 -2.73
N MET A 338 31.77 16.86 -3.22
CA MET A 338 32.84 15.91 -2.97
C MET A 338 33.41 15.33 -4.26
N ALA A 339 32.57 15.06 -5.24
CA ALA A 339 33.02 14.63 -6.56
C ALA A 339 31.94 14.96 -7.57
N CYS A 340 32.33 14.97 -8.84
CA CYS A 340 31.37 15.32 -9.88
C CYS A 340 31.86 14.76 -11.22
N CYS A 341 30.89 14.37 -12.06
CA CYS A 341 31.24 13.85 -13.38
C CYS A 341 30.09 14.13 -14.35
N MET A 342 30.46 14.38 -15.60
CA MET A 342 29.52 14.61 -16.70
C MET A 342 29.45 13.34 -17.55
N LEU A 343 28.28 13.04 -18.08
CA LEU A 343 28.11 11.99 -19.07
C LEU A 343 27.25 12.54 -20.20
N TYR A 344 27.89 12.92 -21.31
CA TYR A 344 27.19 13.50 -22.45
C TYR A 344 26.74 12.41 -23.41
N ARG A 345 25.84 12.79 -24.31
CA ARG A 345 25.31 11.86 -25.28
C ARG A 345 24.87 12.61 -26.52
N GLY A 346 25.11 12.04 -27.69
CA GLY A 346 24.64 12.58 -28.94
C GLY A 346 25.73 13.23 -29.76
N ASP A 347 25.28 14.11 -30.66
CA ASP A 347 26.19 14.87 -31.52
C ASP A 347 26.80 15.98 -30.67
N VAL A 348 27.87 15.63 -29.95
CA VAL A 348 28.52 16.53 -29.01
C VAL A 348 30.01 16.57 -29.32
N VAL A 349 30.56 17.77 -29.42
CA VAL A 349 31.95 17.98 -29.80
C VAL A 349 32.76 18.27 -28.53
N PRO A 350 33.92 17.64 -28.34
CA PRO A 350 34.67 17.83 -27.09
C PRO A 350 35.09 19.28 -26.82
N LYS A 351 35.39 20.06 -27.85
CA LYS A 351 35.85 21.43 -27.61
C LYS A 351 34.77 22.28 -26.97
N ASP A 352 33.52 22.15 -27.43
CA ASP A 352 32.43 22.89 -26.81
C ASP A 352 32.19 22.42 -25.38
N VAL A 353 32.38 21.12 -25.13
CA VAL A 353 32.30 20.60 -23.77
C VAL A 353 33.34 21.27 -22.89
N ASN A 354 34.57 21.39 -23.38
CA ASN A 354 35.62 22.02 -22.60
C ASN A 354 35.31 23.48 -22.35
N ALA A 355 34.75 24.16 -23.35
CA ALA A 355 34.35 25.56 -23.17
C ALA A 355 33.30 25.70 -22.08
N ALA A 356 32.28 24.83 -22.10
CA ALA A 356 31.25 24.88 -21.07
C ALA A 356 31.83 24.58 -19.70
N ILE A 357 32.74 23.61 -19.61
CA ILE A 357 33.36 23.28 -18.34
C ILE A 357 34.14 24.48 -17.81
N ALA A 358 34.90 25.15 -18.68
CA ALA A 358 35.64 26.33 -18.26
C ALA A 358 34.70 27.42 -17.78
N THR A 359 33.58 27.61 -18.47
CA THR A 359 32.61 28.62 -18.05
C THR A 359 32.03 28.30 -16.68
N ILE A 360 31.70 27.04 -16.44
CA ILE A 360 31.10 26.66 -15.16
C ILE A 360 32.13 26.75 -14.03
N LYS A 361 33.37 26.36 -14.30
CA LYS A 361 34.36 26.26 -13.22
C LYS A 361 34.60 27.60 -12.55
N THR A 362 34.73 28.68 -13.33
CA THR A 362 34.97 30.01 -12.77
C THR A 362 33.66 30.59 -12.24
N LYS A 363 33.17 29.96 -11.18
CA LYS A 363 31.95 30.38 -10.49
C LYS A 363 32.14 30.23 -9.00
N ARG A 364 31.40 31.04 -8.24
CA ARG A 364 31.34 30.90 -6.80
C ARG A 364 30.26 29.93 -6.35
N THR A 365 29.38 29.51 -7.26
CA THR A 365 28.28 28.62 -6.90
C THR A 365 28.72 27.17 -6.72
N ILE A 366 29.85 26.78 -7.28
CA ILE A 366 30.38 25.43 -7.14
C ILE A 366 31.47 25.48 -6.07
N GLN A 367 31.25 24.76 -4.97
CA GLN A 367 32.18 24.76 -3.83
C GLN A 367 32.56 23.33 -3.49
N PHE A 368 33.70 22.88 -4.01
CA PHE A 368 34.26 21.60 -3.60
C PHE A 368 34.87 21.73 -2.22
N VAL A 369 35.37 20.62 -1.69
CA VAL A 369 36.12 20.66 -0.44
C VAL A 369 37.52 21.15 -0.77
N ASP A 370 38.29 21.49 0.25
CA ASP A 370 39.57 22.16 0.07
C ASP A 370 40.73 21.19 -0.06
N TRP A 371 40.46 19.89 -0.27
CA TRP A 371 41.54 18.90 -0.25
C TRP A 371 41.32 17.78 -1.27
N CYS A 372 40.47 17.97 -2.27
CA CYS A 372 40.09 16.94 -3.21
C CYS A 372 40.21 17.46 -4.63
N PRO A 373 40.33 16.58 -5.61
CA PRO A 373 40.36 17.01 -7.02
C PRO A 373 39.15 17.84 -7.37
N THR A 374 39.38 19.12 -7.65
CA THR A 374 38.32 20.06 -7.98
C THR A 374 38.06 20.13 -9.48
N GLY A 375 37.87 18.96 -10.08
CA GLY A 375 37.60 18.85 -11.50
C GLY A 375 36.37 18.00 -11.77
N PHE A 376 36.00 17.95 -13.04
CA PHE A 376 34.86 17.17 -13.50
C PHE A 376 35.38 16.04 -14.38
N LYS A 377 35.25 14.81 -13.91
CA LYS A 377 35.61 13.65 -14.73
C LYS A 377 34.58 13.53 -15.84
N VAL A 378 34.90 14.04 -17.02
CA VAL A 378 33.94 14.19 -18.11
C VAL A 378 34.12 13.02 -19.06
N GLY A 379 33.15 12.10 -19.07
CA GLY A 379 33.07 11.07 -20.08
C GLY A 379 32.06 11.48 -21.14
N ILE A 380 32.47 11.39 -22.40
CA ILE A 380 31.68 11.85 -23.52
C ILE A 380 31.31 10.65 -24.38
N ASN A 381 30.02 10.50 -24.67
CA ASN A 381 29.50 9.49 -25.57
C ASN A 381 28.85 10.18 -26.77
N TYR A 382 28.85 9.48 -27.91
CA TYR A 382 28.37 10.07 -29.15
C TYR A 382 27.10 9.43 -29.70
N GLN A 383 26.63 8.34 -29.11
CA GLN A 383 25.40 7.73 -29.57
C GLN A 383 24.21 8.65 -29.31
N PRO A 384 23.32 8.84 -30.29
CA PRO A 384 22.26 9.82 -30.11
C PRO A 384 21.29 9.38 -29.01
N PRO A 385 20.72 10.32 -28.27
CA PRO A 385 19.68 9.96 -27.30
C PRO A 385 18.40 9.56 -28.02
N THR A 386 17.84 8.43 -27.61
CA THR A 386 16.64 7.91 -28.23
C THR A 386 15.63 7.57 -27.15
N VAL A 387 14.36 7.86 -27.42
CA VAL A 387 13.30 7.70 -26.44
C VAL A 387 12.34 6.62 -26.91
N VAL A 388 11.42 6.26 -26.03
CA VAL A 388 10.41 5.23 -26.36
C VAL A 388 9.42 5.82 -27.35
N PRO A 389 9.21 5.19 -28.51
CA PRO A 389 8.18 5.69 -29.44
C PRO A 389 6.79 5.49 -28.86
N GLY A 390 6.13 6.60 -28.55
CA GLY A 390 4.82 6.59 -27.94
C GLY A 390 4.73 7.36 -26.64
N GLY A 391 5.84 7.55 -25.93
CA GLY A 391 5.84 8.30 -24.71
C GLY A 391 5.67 9.79 -24.95
N ASP A 392 5.63 10.53 -23.85
CA ASP A 392 5.44 11.97 -23.91
C ASP A 392 6.76 12.73 -24.03
N LEU A 393 7.88 12.03 -24.15
CA LEU A 393 9.18 12.65 -24.37
C LEU A 393 9.47 12.69 -25.86
N ALA A 394 10.11 13.77 -26.30
CA ALA A 394 10.54 13.93 -27.68
C ALA A 394 12.04 13.70 -27.79
N LYS A 395 12.47 13.11 -28.89
CA LYS A 395 13.88 12.85 -29.11
C LYS A 395 14.65 14.15 -29.23
N VAL A 396 15.79 14.23 -28.54
CA VAL A 396 16.66 15.40 -28.57
C VAL A 396 18.02 14.94 -29.09
N GLN A 397 18.57 15.68 -30.05
CA GLN A 397 19.76 15.21 -30.74
C GLN A 397 20.95 15.06 -29.80
N ARG A 398 20.97 15.80 -28.69
CA ARG A 398 22.02 15.65 -27.70
C ARG A 398 21.43 15.87 -26.31
N ALA A 399 22.08 15.27 -25.32
CA ALA A 399 21.63 15.36 -23.94
C ALA A 399 22.82 15.10 -23.02
N VAL A 400 22.57 15.17 -21.72
CA VAL A 400 23.65 15.10 -20.75
C VAL A 400 23.08 14.66 -19.41
N CYS A 401 23.90 13.94 -18.64
CA CYS A 401 23.59 13.53 -17.29
C CYS A 401 24.74 13.96 -16.40
N MET A 402 24.44 14.21 -15.13
CA MET A 402 25.38 14.80 -14.19
C MET A 402 25.33 14.02 -12.89
N LEU A 403 26.45 13.42 -12.52
CA LEU A 403 26.53 12.67 -11.27
C LEU A 403 27.43 13.43 -10.32
N SER A 404 26.85 14.07 -9.31
CA SER A 404 27.60 14.90 -8.38
C SER A 404 27.37 14.37 -6.97
N ASN A 405 28.43 13.85 -6.36
CA ASN A 405 28.40 13.50 -4.95
C ASN A 405 28.69 14.76 -4.15
N THR A 406 27.66 15.28 -3.48
CA THR A 406 27.77 16.50 -2.69
C THR A 406 27.05 16.29 -1.35
N THR A 407 27.13 17.31 -0.50
CA THR A 407 26.53 17.28 0.83
C THR A 407 25.11 17.83 0.83
N ALA A 408 24.62 18.32 -0.31
CA ALA A 408 23.25 18.81 -0.36
C ALA A 408 22.25 17.71 -0.02
N ILE A 409 22.42 16.53 -0.63
CA ILE A 409 21.46 15.44 -0.50
C ILE A 409 21.25 15.09 0.98
N ALA A 410 22.12 15.61 1.85
CA ALA A 410 21.96 15.40 3.28
C ALA A 410 20.57 15.78 3.75
N GLU A 411 20.07 16.95 3.32
CA GLU A 411 18.74 17.33 3.79
C GLU A 411 17.67 16.39 3.28
N ALA A 412 17.88 15.79 2.09
CA ALA A 412 16.95 14.79 1.60
C ALA A 412 16.79 13.63 2.57
N TRP A 413 17.85 13.33 3.33
CA TRP A 413 17.75 12.30 4.36
C TRP A 413 16.97 12.83 5.57
N ALA A 414 17.26 14.06 5.97
CA ALA A 414 16.76 14.57 7.25
C ALA A 414 15.24 14.53 7.30
N ARG A 415 14.57 14.94 6.22
CA ARG A 415 13.12 14.90 6.17
C ARG A 415 12.61 13.52 6.57
N LEU A 416 13.18 12.46 5.98
CA LEU A 416 12.80 11.11 6.36
C LEU A 416 12.90 10.91 7.85
N ASP A 417 14.06 11.23 8.43
CA ASP A 417 14.24 11.06 9.86
C ASP A 417 13.19 11.83 10.64
N HIS A 418 12.85 13.03 10.17
CA HIS A 418 11.82 13.82 10.84
C HIS A 418 10.54 13.00 10.98
N LYS A 419 10.06 12.44 9.87
CA LYS A 419 8.86 11.63 9.93
C LYS A 419 9.06 10.46 10.87
N PHE A 420 10.22 9.81 10.81
CA PHE A 420 10.52 8.73 11.75
C PHE A 420 10.45 9.24 13.18
N ASP A 421 11.06 10.40 13.44
CA ASP A 421 11.04 10.94 14.79
C ASP A 421 9.63 11.25 15.25
N LEU A 422 8.70 11.46 14.31
CA LEU A 422 7.33 11.75 14.70
C LEU A 422 6.53 10.50 15.06
N MET A 423 7.00 9.32 14.66
CA MET A 423 6.23 8.09 14.89
C MET A 423 6.77 7.28 16.05
N TYR A 424 8.06 6.93 16.01
CA TYR A 424 8.62 6.06 17.04
C TYR A 424 8.53 6.66 18.42
N ALA A 425 8.43 7.99 18.51
CA ALA A 425 8.28 8.63 19.82
C ALA A 425 7.01 8.16 20.50
N LYS A 426 5.92 8.06 19.75
CA LYS A 426 4.67 7.52 20.25
C LYS A 426 4.56 6.01 20.11
N ARG A 427 5.59 5.36 19.58
CA ARG A 427 5.56 3.93 19.28
C ARG A 427 4.39 3.59 18.36
N ALA A 428 4.22 4.40 17.33
CA ALA A 428 3.12 4.22 16.39
C ALA A 428 3.46 3.14 15.38
N PHE A 429 2.53 2.22 15.16
CA PHE A 429 2.61 1.12 14.20
C PHE A 429 3.68 0.09 14.53
N VAL A 430 4.39 0.23 15.66
CA VAL A 430 5.51 -0.67 15.92
C VAL A 430 5.03 -2.10 16.19
N HIS A 431 3.76 -2.29 16.57
CA HIS A 431 3.31 -3.63 16.88
C HIS A 431 3.25 -4.50 15.63
N TRP A 432 2.95 -3.89 14.48
CA TRP A 432 2.93 -4.63 13.24
C TRP A 432 4.31 -5.22 12.93
N TYR A 433 5.37 -4.47 13.24
CA TYR A 433 6.71 -4.97 13.03
C TYR A 433 7.10 -5.99 14.09
N VAL A 434 6.76 -5.72 15.35
CA VAL A 434 7.21 -6.61 16.42
C VAL A 434 6.49 -7.95 16.39
N GLY A 435 5.29 -8.00 15.81
CA GLY A 435 4.58 -9.24 15.70
C GLY A 435 5.02 -10.15 14.58
N GLU A 436 6.00 -9.72 13.79
CA GLU A 436 6.52 -10.50 12.67
C GLU A 436 8.03 -10.68 12.79
N GLY A 437 8.50 -10.95 14.00
CA GLY A 437 9.88 -11.35 14.18
C GLY A 437 10.90 -10.24 14.27
N MET A 438 10.48 -9.02 14.55
CA MET A 438 11.41 -7.91 14.73
C MET A 438 11.37 -7.40 16.16
N GLU A 439 12.54 -7.03 16.69
CA GLU A 439 12.63 -6.42 18.01
C GLU A 439 12.41 -4.91 17.91
N GLU A 440 11.78 -4.35 18.94
CA GLU A 440 11.42 -2.93 18.90
C GLU A 440 12.64 -2.03 18.88
N GLY A 441 13.60 -2.26 19.78
CA GLY A 441 14.76 -1.39 19.87
C GLY A 441 15.52 -1.23 18.58
N GLU A 442 15.40 -2.20 17.68
CA GLU A 442 16.04 -2.09 16.37
C GLU A 442 15.72 -0.77 15.71
N PHE A 443 14.45 -0.32 15.78
CA PHE A 443 14.09 0.97 15.21
C PHE A 443 15.01 2.06 15.73
N SER A 444 15.16 2.16 17.06
CA SER A 444 16.07 3.13 17.63
C SER A 444 17.45 3.00 17.02
N GLU A 445 17.99 1.77 16.99
CA GLU A 445 19.29 1.56 16.38
C GLU A 445 19.32 2.13 14.97
N ALA A 446 18.33 1.75 14.16
CA ALA A 446 18.29 2.24 12.79
C ALA A 446 18.29 3.76 12.77
N ARG A 447 17.42 4.39 13.59
CA ARG A 447 17.42 5.84 13.64
C ARG A 447 18.79 6.36 13.99
N GLU A 448 19.39 5.82 15.06
CA GLU A 448 20.72 6.26 15.46
C GLU A 448 21.69 6.18 14.29
N ASP A 449 21.61 5.09 13.51
CA ASP A 449 22.51 4.94 12.39
C ASP A 449 22.41 6.13 11.45
N LEU A 450 21.20 6.46 11.00
CA LEU A 450 21.11 7.60 10.11
C LEU A 450 21.42 8.90 10.81
N ALA A 451 21.13 9.00 12.11
CA ALA A 451 21.63 10.15 12.85
C ALA A 451 23.13 10.27 12.67
N ALA A 452 23.86 9.17 12.90
CA ALA A 452 25.29 9.18 12.65
C ALA A 452 25.58 9.55 11.20
N LEU A 453 24.81 8.99 10.26
CA LEU A 453 24.98 9.37 8.86
C LEU A 453 24.92 10.88 8.70
N GLU A 454 23.90 11.52 9.30
CA GLU A 454 23.77 12.96 9.17
C GLU A 454 25.03 13.66 9.64
N LYS A 455 25.60 13.20 10.77
CA LYS A 455 26.81 13.82 11.28
C LYS A 455 27.91 13.80 10.24
N ASP A 456 28.10 12.66 9.56
CA ASP A 456 29.14 12.57 8.56
C ASP A 456 28.98 13.65 7.50
N TYR A 457 27.72 13.94 7.14
CA TYR A 457 27.46 14.98 6.15
C TYR A 457 27.96 16.33 6.62
N GLU A 458 27.73 16.68 7.90
CA GLU A 458 28.32 17.91 8.38
C GLU A 458 29.81 17.77 8.63
N GLU A 459 30.31 16.55 8.82
CA GLU A 459 31.74 16.37 9.03
C GLU A 459 32.53 16.77 7.79
N VAL A 460 32.08 16.32 6.62
CA VAL A 460 32.76 16.65 5.37
C VAL A 460 32.45 18.07 4.90
N GLY A 461 31.38 18.67 5.41
CA GLY A 461 30.99 20.01 4.99
C GLY A 461 31.39 21.08 5.99
N ARG B 2 -5.70 -14.35 -0.71
CA ARG B 2 -6.36 -13.51 -1.69
C ARG B 2 -7.87 -13.51 -1.49
N GLU B 3 -8.45 -14.70 -1.45
CA GLU B 3 -9.89 -14.83 -1.30
C GLU B 3 -10.33 -14.48 0.11
N ILE B 4 -11.59 -14.09 0.22
CA ILE B 4 -12.20 -13.70 1.49
C ILE B 4 -13.40 -14.60 1.73
N VAL B 5 -13.45 -15.22 2.92
CA VAL B 5 -14.52 -16.13 3.29
C VAL B 5 -15.53 -15.35 4.12
N HIS B 6 -16.64 -14.97 3.50
CA HIS B 6 -17.69 -14.23 4.18
C HIS B 6 -18.38 -15.12 5.20
N ILE B 7 -18.73 -14.53 6.35
CA ILE B 7 -19.52 -15.19 7.37
C ILE B 7 -20.58 -14.21 7.85
N GLN B 8 -21.80 -14.70 8.07
CA GLN B 8 -22.85 -13.89 8.66
C GLN B 8 -23.61 -14.72 9.69
N ALA B 9 -23.96 -14.08 10.79
CA ALA B 9 -24.66 -14.75 11.89
C ALA B 9 -25.85 -13.92 12.34
N GLY B 10 -26.90 -14.60 12.77
CA GLY B 10 -28.06 -13.94 13.32
C GLY B 10 -28.95 -13.32 12.26
N GLN B 11 -30.09 -12.79 12.71
CA GLN B 11 -31.05 -12.19 11.80
C GLN B 11 -30.47 -10.93 11.16
N CYS B 12 -29.94 -10.01 11.98
CA CYS B 12 -29.38 -8.78 11.44
C CYS B 12 -28.19 -9.06 10.56
N GLY B 13 -27.30 -9.96 10.99
CA GLY B 13 -26.15 -10.30 10.18
C GLY B 13 -26.56 -10.89 8.84
N ASN B 14 -27.53 -11.81 8.85
CA ASN B 14 -27.99 -12.40 7.61
C ASN B 14 -28.60 -11.37 6.68
N GLN B 15 -29.40 -10.45 7.24
CA GLN B 15 -30.05 -9.44 6.40
C GLN B 15 -29.03 -8.51 5.77
N ILE B 16 -28.10 -7.98 6.57
CA ILE B 16 -27.12 -7.05 6.03
C ILE B 16 -26.19 -7.75 5.06
N GLY B 17 -25.85 -9.02 5.32
CA GLY B 17 -25.02 -9.76 4.38
C GLY B 17 -25.73 -10.02 3.06
N ALA B 18 -27.02 -10.34 3.11
CA ALA B 18 -27.78 -10.53 1.88
C ALA B 18 -27.84 -9.24 1.07
N LYS B 19 -28.03 -8.11 1.74
CA LYS B 19 -28.01 -6.83 1.04
C LYS B 19 -26.65 -6.57 0.42
N PHE B 20 -25.58 -6.84 1.17
CA PHE B 20 -24.21 -6.67 0.65
C PHE B 20 -24.02 -7.49 -0.61
N TRP B 21 -24.40 -8.77 -0.56
CA TRP B 21 -24.21 -9.66 -1.70
C TRP B 21 -25.03 -9.20 -2.90
N GLU B 22 -26.28 -8.79 -2.67
CA GLU B 22 -27.11 -8.33 -3.77
C GLU B 22 -26.50 -7.11 -4.45
N ILE B 23 -26.04 -6.15 -3.64
CA ILE B 23 -25.53 -4.91 -4.21
C ILE B 23 -24.24 -5.16 -4.99
N ILE B 24 -23.31 -5.94 -4.42
CA ILE B 24 -22.06 -6.16 -5.12
C ILE B 24 -22.27 -7.05 -6.35
N SER B 25 -23.27 -7.94 -6.32
CA SER B 25 -23.58 -8.72 -7.50
C SER B 25 -24.13 -7.83 -8.62
N ASP B 26 -25.00 -6.88 -8.27
CA ASP B 26 -25.44 -5.93 -9.28
C ASP B 26 -24.28 -5.14 -9.83
N GLU B 27 -23.36 -4.70 -8.97
CA GLU B 27 -22.21 -3.93 -9.44
C GLU B 27 -21.34 -4.75 -10.38
N HIS B 28 -21.13 -6.03 -10.07
CA HIS B 28 -20.21 -6.86 -10.83
C HIS B 28 -20.85 -7.50 -12.06
N GLY B 29 -22.13 -7.25 -12.30
CA GLY B 29 -22.77 -7.74 -13.51
C GLY B 29 -23.18 -9.20 -13.48
N ILE B 30 -23.01 -9.88 -12.35
CA ILE B 30 -23.45 -11.26 -12.23
C ILE B 30 -24.95 -11.28 -11.93
N ASP B 31 -25.69 -12.07 -12.68
CA ASP B 31 -27.14 -12.10 -12.57
C ASP B 31 -27.55 -12.87 -11.32
N ALA B 32 -28.84 -13.10 -11.16
CA ALA B 32 -29.36 -13.85 -10.01
C ALA B 32 -29.17 -15.35 -10.17
N THR B 33 -28.73 -15.82 -11.34
CA THR B 33 -28.44 -17.23 -11.55
C THR B 33 -26.96 -17.55 -11.49
N GLY B 34 -26.11 -16.55 -11.27
CA GLY B 34 -24.68 -16.75 -11.10
C GLY B 34 -23.84 -16.46 -12.32
N ALA B 35 -24.45 -16.26 -13.48
CA ALA B 35 -23.70 -16.01 -14.71
C ALA B 35 -23.36 -14.54 -14.85
N TYR B 36 -22.31 -14.25 -15.62
CA TYR B 36 -21.86 -12.89 -15.84
C TYR B 36 -22.52 -12.29 -17.08
N HIS B 37 -23.06 -11.08 -16.93
CA HIS B 37 -23.70 -10.39 -18.03
C HIS B 37 -23.39 -8.90 -18.04
N GLY B 38 -22.30 -8.48 -17.39
CA GLY B 38 -21.86 -7.10 -17.46
C GLY B 38 -21.07 -6.82 -18.72
N ASP B 39 -20.66 -5.55 -18.86
CA ASP B 39 -19.98 -5.09 -20.06
C ASP B 39 -18.76 -4.25 -19.69
N SER B 40 -17.90 -4.79 -18.83
CA SER B 40 -16.63 -4.16 -18.54
C SER B 40 -15.59 -5.24 -18.24
N ASP B 41 -14.34 -4.97 -18.61
CA ASP B 41 -13.26 -5.87 -18.25
C ASP B 41 -12.93 -5.75 -16.77
N LEU B 42 -13.14 -4.57 -16.19
CA LEU B 42 -12.76 -4.34 -14.79
C LEU B 42 -13.53 -5.20 -13.82
N GLN B 43 -14.73 -5.67 -14.20
CA GLN B 43 -15.56 -6.41 -13.26
C GLN B 43 -14.96 -7.76 -12.91
N LEU B 44 -14.29 -8.41 -13.86
CA LEU B 44 -13.74 -9.74 -13.65
C LEU B 44 -12.27 -9.75 -13.27
N GLU B 45 -11.64 -8.58 -13.11
CA GLU B 45 -10.22 -8.57 -12.79
C GLU B 45 -9.97 -9.18 -11.41
N ARG B 46 -10.85 -8.91 -10.45
CA ARG B 46 -10.67 -9.39 -9.09
C ARG B 46 -11.98 -9.97 -8.57
N ILE B 47 -12.64 -10.78 -9.41
CA ILE B 47 -13.92 -11.36 -9.03
C ILE B 47 -13.76 -12.61 -8.18
N ASN B 48 -12.59 -13.25 -8.22
CA ASN B 48 -12.37 -14.46 -7.44
C ASN B 48 -12.33 -14.16 -5.95
N VAL B 49 -12.20 -12.90 -5.56
CA VAL B 49 -12.03 -12.57 -4.15
C VAL B 49 -13.24 -12.97 -3.35
N TYR B 50 -14.44 -12.76 -3.89
CA TYR B 50 -15.68 -13.05 -3.19
C TYR B 50 -16.54 -14.10 -3.86
N TYR B 51 -16.08 -14.71 -4.96
CA TYR B 51 -16.92 -15.59 -5.74
C TYR B 51 -16.12 -16.83 -6.14
N ASN B 52 -16.85 -17.90 -6.43
CA ASN B 52 -16.28 -19.13 -6.94
C ASN B 52 -16.92 -19.49 -8.27
N GLU B 53 -16.10 -19.96 -9.20
CA GLU B 53 -16.53 -20.30 -10.55
C GLU B 53 -16.64 -21.82 -10.69
N ALA B 54 -17.74 -22.29 -11.27
CA ALA B 54 -17.94 -23.71 -11.48
C ALA B 54 -18.86 -23.98 -12.66
N LYS B 58 -21.00 -19.75 -14.41
CA LYS B 58 -21.76 -19.38 -13.23
C LYS B 58 -20.82 -19.08 -12.06
N TYR B 59 -21.19 -18.08 -11.26
CA TYR B 59 -20.39 -17.65 -10.11
C TYR B 59 -21.16 -17.90 -8.83
N VAL B 60 -20.48 -18.48 -7.85
CA VAL B 60 -21.08 -18.89 -6.59
C VAL B 60 -20.45 -18.05 -5.48
N PRO B 61 -21.24 -17.40 -4.63
CA PRO B 61 -20.66 -16.63 -3.53
C PRO B 61 -19.90 -17.52 -2.55
N ARG B 62 -18.88 -16.94 -1.93
CA ARG B 62 -18.09 -17.62 -0.91
C ARG B 62 -18.61 -17.22 0.47
N ALA B 63 -19.81 -17.70 0.78
CA ALA B 63 -20.52 -17.28 1.97
C ALA B 63 -20.97 -18.48 2.78
N VAL B 64 -21.04 -18.28 4.10
CA VAL B 64 -21.64 -19.23 5.02
C VAL B 64 -22.69 -18.48 5.83
N LEU B 65 -23.89 -19.03 5.91
CA LEU B 65 -25.04 -18.35 6.50
C LEU B 65 -25.49 -19.12 7.73
N VAL B 66 -25.48 -18.44 8.88
CA VAL B 66 -25.74 -19.08 10.17
C VAL B 66 -26.85 -18.34 10.89
N ASP B 67 -27.82 -19.07 11.42
CA ASP B 67 -28.88 -18.49 12.25
C ASP B 67 -29.52 -19.59 13.05
N LEU B 68 -29.52 -19.45 14.38
CA LEU B 68 -30.14 -20.46 15.23
C LEU B 68 -31.64 -20.57 14.96
N GLU B 69 -32.32 -19.44 14.82
CA GLU B 69 -33.72 -19.48 14.45
C GLU B 69 -33.85 -19.95 13.00
N PRO B 70 -34.67 -20.98 12.74
CA PRO B 70 -34.65 -21.62 11.41
C PRO B 70 -35.52 -20.98 10.35
N GLY B 71 -36.37 -20.02 10.70
CA GLY B 71 -37.21 -19.39 9.70
C GLY B 71 -36.43 -18.62 8.66
N THR B 72 -35.40 -17.89 9.11
CA THR B 72 -34.64 -17.01 8.23
C THR B 72 -34.01 -17.73 7.05
N MET B 73 -34.03 -19.07 7.02
CA MET B 73 -33.69 -19.78 5.80
C MET B 73 -34.54 -19.29 4.64
N ASP B 74 -35.87 -19.48 4.75
CA ASP B 74 -36.74 -19.17 3.63
C ASP B 74 -36.63 -17.70 3.24
N SER B 75 -36.59 -16.81 4.22
CA SER B 75 -36.39 -15.40 3.94
C SER B 75 -35.14 -15.21 3.09
N VAL B 76 -34.02 -15.78 3.51
CA VAL B 76 -32.80 -15.69 2.72
C VAL B 76 -33.01 -16.38 1.38
N ARG B 77 -33.72 -17.48 1.36
CA ARG B 77 -34.01 -18.17 0.12
C ARG B 77 -35.10 -17.48 -0.70
N SER B 78 -35.77 -16.48 -0.14
CA SER B 78 -36.79 -15.74 -0.87
C SER B 78 -36.26 -14.44 -1.48
N GLY B 79 -35.02 -14.08 -1.21
CA GLY B 79 -34.45 -12.86 -1.74
C GLY B 79 -34.12 -13.00 -3.20
N PRO B 80 -33.73 -11.87 -3.81
CA PRO B 80 -33.35 -11.92 -5.24
C PRO B 80 -32.13 -12.77 -5.52
N PHE B 81 -31.41 -13.21 -4.49
CA PHE B 81 -30.19 -14.00 -4.65
C PHE B 81 -30.20 -15.19 -3.70
N GLY B 82 -31.31 -15.92 -3.66
CA GLY B 82 -31.44 -17.01 -2.71
C GLY B 82 -30.92 -18.36 -3.16
N GLN B 83 -30.79 -18.55 -4.47
CA GLN B 83 -30.39 -19.84 -5.00
C GLN B 83 -28.90 -19.91 -5.35
N ILE B 84 -28.21 -18.76 -5.41
CA ILE B 84 -26.80 -18.79 -5.77
C ILE B 84 -25.96 -19.41 -4.67
N PHE B 85 -26.29 -19.16 -3.40
CA PHE B 85 -25.48 -19.64 -2.30
C PHE B 85 -25.45 -21.17 -2.28
N ARG B 86 -24.33 -21.72 -1.83
CA ARG B 86 -24.17 -23.16 -1.76
C ARG B 86 -25.13 -23.74 -0.72
N PRO B 87 -25.96 -24.71 -1.09
CA PRO B 87 -26.97 -25.22 -0.15
C PRO B 87 -26.40 -25.80 1.13
N ASP B 88 -25.22 -26.42 1.06
CA ASP B 88 -24.59 -26.97 2.26
C ASP B 88 -24.20 -25.84 3.21
N ASN B 89 -23.86 -24.67 2.66
CA ASN B 89 -23.36 -23.56 3.47
C ASN B 89 -24.37 -23.04 4.47
N PHE B 90 -25.66 -23.30 4.28
CA PHE B 90 -26.65 -22.92 5.28
C PHE B 90 -26.47 -23.76 6.52
N VAL B 91 -26.16 -23.12 7.65
CA VAL B 91 -25.94 -23.80 8.92
C VAL B 91 -26.90 -23.15 9.92
N PHE B 92 -28.09 -23.70 10.05
CA PHE B 92 -29.14 -23.13 10.89
C PHE B 92 -29.50 -24.10 12.01
N GLY B 93 -29.71 -23.55 13.20
CA GLY B 93 -30.10 -24.34 14.35
C GLY B 93 -31.60 -24.56 14.41
N GLN B 94 -32.05 -25.07 15.55
CA GLN B 94 -33.45 -25.39 15.76
C GLN B 94 -34.20 -24.33 16.55
N SER B 95 -33.58 -23.77 17.60
CA SER B 95 -34.25 -22.85 18.49
C SER B 95 -33.52 -21.52 18.52
N GLY B 96 -34.30 -20.43 18.63
CA GLY B 96 -33.71 -19.11 18.74
C GLY B 96 -33.11 -18.85 20.11
N ALA B 97 -32.25 -17.84 20.17
CA ALA B 97 -31.51 -17.53 21.39
C ALA B 97 -32.26 -16.62 22.34
N GLY B 98 -33.27 -15.90 21.86
CA GLY B 98 -34.00 -15.00 22.72
C GLY B 98 -33.20 -13.84 23.24
N ASN B 99 -32.31 -13.28 22.40
CA ASN B 99 -31.54 -12.08 22.74
C ASN B 99 -30.75 -12.26 24.03
N ASN B 100 -30.12 -13.42 24.19
CA ASN B 100 -29.25 -13.69 25.33
C ASN B 100 -27.87 -14.08 24.84
N TRP B 101 -26.86 -13.33 25.29
CA TRP B 101 -25.49 -13.60 24.88
C TRP B 101 -25.04 -14.97 25.37
N ALA B 102 -25.33 -15.30 26.63
CA ALA B 102 -24.91 -16.59 27.18
C ALA B 102 -25.61 -17.75 26.48
N LYS B 103 -26.86 -17.56 26.05
CA LYS B 103 -27.55 -18.61 25.34
C LYS B 103 -26.87 -18.93 24.01
N GLY B 104 -26.45 -17.90 23.28
CA GLY B 104 -25.75 -18.08 22.03
C GLY B 104 -24.27 -18.31 22.15
N HIS B 105 -23.72 -18.27 23.37
CA HIS B 105 -22.29 -18.43 23.57
C HIS B 105 -21.90 -19.65 24.39
N TYR B 106 -22.81 -20.21 25.17
CA TYR B 106 -22.37 -21.32 26.03
C TYR B 106 -23.24 -22.56 25.94
N THR B 107 -24.57 -22.40 25.85
CA THR B 107 -25.46 -23.55 25.93
C THR B 107 -25.96 -24.02 24.57
N GLU B 108 -26.08 -23.13 23.59
CA GLU B 108 -26.59 -23.49 22.28
C GLU B 108 -25.65 -23.16 21.15
N GLY B 109 -24.79 -22.14 21.32
CA GLY B 109 -23.74 -21.91 20.34
C GLY B 109 -22.71 -23.03 20.34
N ALA B 110 -22.42 -23.59 21.51
CA ALA B 110 -21.39 -24.60 21.66
C ALA B 110 -21.74 -25.90 20.93
N GLU B 111 -22.98 -26.08 20.50
CA GLU B 111 -23.38 -27.28 19.78
C GLU B 111 -23.23 -27.11 18.27
N LEU B 112 -23.70 -25.98 17.73
CA LEU B 112 -23.66 -25.73 16.30
C LEU B 112 -22.32 -25.16 15.84
N VAL B 113 -21.48 -24.74 16.79
CA VAL B 113 -20.21 -24.13 16.45
C VAL B 113 -19.31 -25.14 15.75
N ASP B 114 -19.38 -26.41 16.14
CA ASP B 114 -18.54 -27.42 15.51
C ASP B 114 -18.87 -27.55 14.02
N SER B 115 -20.16 -27.66 13.71
CA SER B 115 -20.55 -27.81 12.31
C SER B 115 -20.22 -26.56 11.50
N VAL B 116 -20.45 -25.38 12.08
CA VAL B 116 -20.12 -24.18 11.31
C VAL B 116 -18.61 -24.06 11.11
N LEU B 117 -17.80 -24.46 12.10
CA LEU B 117 -16.36 -24.44 11.92
C LEU B 117 -15.93 -25.41 10.83
N ASP B 118 -16.57 -26.58 10.77
CA ASP B 118 -16.24 -27.55 9.72
C ASP B 118 -16.60 -26.99 8.34
N VAL B 119 -17.74 -26.32 8.23
CA VAL B 119 -18.10 -25.70 6.95
C VAL B 119 -17.09 -24.62 6.58
N VAL B 120 -16.65 -23.86 7.57
CA VAL B 120 -15.63 -22.82 7.33
C VAL B 120 -14.34 -23.46 6.84
N ARG B 121 -13.93 -24.56 7.46
CA ARG B 121 -12.74 -25.29 7.02
C ARG B 121 -12.88 -25.74 5.58
N LYS B 122 -14.04 -26.30 5.24
CA LYS B 122 -14.26 -26.78 3.88
C LYS B 122 -14.19 -25.63 2.89
N GLU B 123 -14.74 -24.47 3.25
CA GLU B 123 -14.66 -23.32 2.35
C GLU B 123 -13.25 -22.76 2.23
N ALA B 124 -12.48 -22.81 3.31
CA ALA B 124 -11.14 -22.22 3.30
C ALA B 124 -10.14 -23.09 2.57
N GLU B 125 -10.25 -24.42 2.70
CA GLU B 125 -9.29 -25.31 2.05
C GLU B 125 -9.40 -25.29 0.54
N SER B 126 -10.45 -24.70 -0.02
CA SER B 126 -10.63 -24.61 -1.46
C SER B 126 -10.01 -23.36 -2.06
N CYS B 127 -9.27 -22.59 -1.28
CA CYS B 127 -8.64 -21.35 -1.73
C CYS B 127 -7.13 -21.52 -1.72
N ASP B 128 -6.49 -21.12 -2.82
CA ASP B 128 -5.03 -21.20 -2.89
C ASP B 128 -4.36 -20.29 -1.86
N CYS B 129 -4.85 -19.07 -1.71
CA CYS B 129 -4.36 -18.13 -0.71
C CYS B 129 -5.53 -17.36 -0.15
N LEU B 130 -5.57 -17.22 1.16
CA LEU B 130 -6.70 -16.63 1.86
C LEU B 130 -6.24 -15.38 2.60
N GLN B 131 -6.97 -14.28 2.40
CA GLN B 131 -6.72 -13.09 3.21
C GLN B 131 -7.29 -13.27 4.61
N GLY B 132 -8.59 -13.49 4.70
CA GLY B 132 -9.24 -13.60 5.99
C GLY B 132 -10.75 -13.62 5.83
N PHE B 133 -11.43 -13.39 6.95
CA PHE B 133 -12.87 -13.49 7.02
C PHE B 133 -13.49 -12.15 7.34
N GLN B 134 -14.74 -11.97 6.93
CA GLN B 134 -15.54 -10.82 7.28
C GLN B 134 -16.85 -11.32 7.89
N LEU B 135 -17.12 -10.90 9.12
CA LEU B 135 -18.32 -11.31 9.84
C LEU B 135 -19.29 -10.14 9.88
N THR B 136 -20.42 -10.29 9.20
CA THR B 136 -21.52 -9.34 9.32
C THR B 136 -22.44 -9.89 10.39
N HIS B 137 -22.47 -9.24 11.55
CA HIS B 137 -23.28 -9.71 12.66
C HIS B 137 -23.78 -8.51 13.46
N SER B 138 -24.35 -8.78 14.62
CA SER B 138 -25.00 -7.75 15.44
C SER B 138 -24.60 -7.94 16.90
N LEU B 139 -24.35 -6.83 17.57
CA LEU B 139 -23.92 -6.85 18.96
C LEU B 139 -25.07 -6.81 19.95
N GLY B 140 -26.30 -6.58 19.50
CA GLY B 140 -27.41 -6.42 20.41
C GLY B 140 -28.18 -7.68 20.71
N GLY B 141 -28.15 -8.63 19.78
CA GLY B 141 -28.88 -9.87 19.94
C GLY B 141 -28.05 -10.95 20.62
N GLY B 142 -28.70 -12.08 20.85
CA GLY B 142 -28.07 -13.22 21.48
C GLY B 142 -27.59 -14.30 20.54
N THR B 143 -27.95 -14.23 19.26
CA THR B 143 -27.45 -15.17 18.27
C THR B 143 -26.28 -14.57 17.49
N GLY B 144 -26.43 -13.36 16.95
CA GLY B 144 -25.33 -12.75 16.24
C GLY B 144 -24.13 -12.51 17.12
N SER B 145 -24.34 -11.94 18.31
CA SER B 145 -23.23 -11.51 19.14
C SER B 145 -22.48 -12.69 19.73
N GLY B 146 -23.16 -13.52 20.52
CA GLY B 146 -22.46 -14.60 21.22
C GLY B 146 -21.87 -15.61 20.28
N MET B 147 -22.65 -16.07 19.30
CA MET B 147 -22.14 -17.01 18.31
C MET B 147 -21.04 -16.37 17.49
N GLY B 148 -21.21 -15.12 17.09
CA GLY B 148 -20.17 -14.45 16.33
C GLY B 148 -18.85 -14.43 17.09
N THR B 149 -18.90 -14.08 18.38
CA THR B 149 -17.67 -14.04 19.17
C THR B 149 -17.08 -15.42 19.32
N LEU B 150 -17.91 -16.44 19.55
CA LEU B 150 -17.39 -17.79 19.70
C LEU B 150 -16.67 -18.25 18.43
N LEU B 151 -17.30 -18.04 17.27
CA LEU B 151 -16.65 -18.39 16.01
C LEU B 151 -15.39 -17.57 15.78
N ILE B 152 -15.39 -16.28 16.12
CA ILE B 152 -14.18 -15.48 15.95
C ILE B 152 -13.04 -16.06 16.78
N SER B 153 -13.33 -16.40 18.04
CA SER B 153 -12.29 -16.96 18.88
C SER B 153 -11.78 -18.30 18.33
N LYS B 154 -12.71 -19.16 17.89
CA LYS B 154 -12.31 -20.46 17.39
C LYS B 154 -11.48 -20.35 16.12
N ILE B 155 -11.88 -19.47 15.20
CA ILE B 155 -11.14 -19.30 13.96
C ILE B 155 -9.79 -18.66 14.23
N ARG B 156 -9.74 -17.71 15.16
CA ARG B 156 -8.47 -17.07 15.47
C ARG B 156 -7.50 -18.05 16.10
N GLU B 157 -7.99 -18.95 16.96
CA GLU B 157 -7.08 -19.97 17.48
C GLU B 157 -6.77 -21.03 16.44
N GLU B 158 -7.62 -21.20 15.43
CA GLU B 158 -7.40 -22.19 14.38
C GLU B 158 -6.61 -21.62 13.21
N TYR B 159 -6.83 -20.35 12.86
CA TYR B 159 -6.07 -19.64 11.85
C TYR B 159 -5.45 -18.42 12.52
N PRO B 160 -4.33 -18.61 13.21
CA PRO B 160 -3.72 -17.48 13.93
C PRO B 160 -3.20 -16.39 13.01
N ASP B 161 -2.99 -16.66 11.73
CA ASP B 161 -2.33 -15.71 10.83
C ASP B 161 -3.28 -15.19 9.75
N ARG B 162 -4.57 -15.09 10.04
CA ARG B 162 -5.55 -14.56 9.10
C ARG B 162 -6.18 -13.30 9.69
N ILE B 163 -6.36 -12.29 8.84
CA ILE B 163 -6.95 -11.02 9.25
C ILE B 163 -8.44 -11.20 9.38
N MET B 164 -8.97 -10.91 10.57
CA MET B 164 -10.38 -11.12 10.88
C MET B 164 -11.10 -9.77 10.86
N ASN B 165 -11.51 -9.34 9.69
CA ASN B 165 -12.37 -8.18 9.59
C ASN B 165 -13.78 -8.53 10.07
N THR B 166 -14.52 -7.51 10.49
CA THR B 166 -15.89 -7.73 10.93
C THR B 166 -16.70 -6.45 10.74
N TYR B 167 -18.02 -6.62 10.72
CA TYR B 167 -18.97 -5.52 10.68
C TYR B 167 -19.93 -5.70 11.84
N SER B 168 -20.08 -4.67 12.66
CA SER B 168 -20.87 -4.76 13.87
C SER B 168 -21.82 -3.58 13.98
N VAL B 169 -23.04 -3.85 14.44
CA VAL B 169 -24.05 -2.81 14.65
C VAL B 169 -24.35 -2.73 16.14
N VAL B 170 -24.21 -1.54 16.70
CA VAL B 170 -24.49 -1.29 18.11
C VAL B 170 -25.93 -0.82 18.22
N PRO B 171 -26.76 -1.44 19.06
CA PRO B 171 -28.19 -1.12 19.07
C PRO B 171 -28.49 0.20 19.77
N SER B 172 -29.68 0.71 19.51
CA SER B 172 -30.17 1.96 20.04
C SER B 172 -31.61 1.81 20.52
N PRO B 173 -32.00 2.57 21.55
CA PRO B 173 -33.42 2.55 21.96
C PRO B 173 -34.37 3.02 20.88
N LYS B 174 -33.92 3.95 20.02
CA LYS B 174 -34.80 4.52 18.99
C LYS B 174 -35.18 3.50 17.93
N VAL B 175 -34.55 2.34 17.88
CA VAL B 175 -34.87 1.30 16.92
C VAL B 175 -35.67 0.17 17.55
N SER B 176 -35.27 -0.28 18.74
CA SER B 176 -35.94 -1.41 19.38
C SER B 176 -36.41 -1.12 20.79
N ASP B 177 -35.67 -0.31 21.55
CA ASP B 177 -36.01 0.04 22.93
C ASP B 177 -36.13 -1.20 23.82
N THR B 178 -35.37 -2.24 23.51
CA THR B 178 -35.27 -3.40 24.40
C THR B 178 -34.12 -3.17 25.37
N VAL B 179 -34.28 -3.72 26.58
CA VAL B 179 -33.43 -3.32 27.71
C VAL B 179 -32.29 -4.29 27.99
N VAL B 180 -32.35 -5.52 27.51
CA VAL B 180 -31.32 -6.50 27.82
C VAL B 180 -30.10 -6.37 26.91
N GLU B 181 -30.23 -5.68 25.77
CA GLU B 181 -29.17 -5.70 24.77
C GLU B 181 -27.82 -5.19 25.25
N PRO B 182 -27.69 -4.11 26.06
CA PRO B 182 -26.35 -3.60 26.35
C PRO B 182 -25.45 -4.62 27.04
N TYR B 183 -26.00 -5.57 27.78
CA TYR B 183 -25.17 -6.65 28.33
C TYR B 183 -24.51 -7.44 27.21
N ASN B 184 -25.30 -7.82 26.21
CA ASN B 184 -24.76 -8.54 25.07
C ASN B 184 -23.76 -7.68 24.31
N ALA B 185 -24.05 -6.39 24.17
CA ALA B 185 -23.13 -5.48 23.48
C ALA B 185 -21.80 -5.40 24.20
N THR B 186 -21.83 -5.29 25.53
CA THR B 186 -20.59 -5.22 26.31
C THR B 186 -19.79 -6.51 26.18
N LEU B 187 -20.47 -7.66 26.36
CA LEU B 187 -19.76 -8.93 26.29
C LEU B 187 -19.19 -9.18 24.91
N SER B 188 -19.86 -8.69 23.85
CA SER B 188 -19.35 -8.84 22.51
C SER B 188 -18.19 -7.89 22.24
N VAL B 189 -18.29 -6.64 22.70
CA VAL B 189 -17.19 -5.69 22.50
C VAL B 189 -15.95 -6.16 23.21
N HIS B 190 -16.10 -6.90 24.31
CA HIS B 190 -14.92 -7.51 24.92
C HIS B 190 -14.14 -8.36 23.94
N GLN B 191 -14.84 -9.31 23.30
CA GLN B 191 -14.17 -10.20 22.35
C GLN B 191 -13.69 -9.43 21.13
N LEU B 192 -14.45 -8.42 20.69
CA LEU B 192 -14.02 -7.64 19.54
C LEU B 192 -12.72 -6.90 19.82
N VAL B 193 -12.58 -6.33 21.02
CA VAL B 193 -11.32 -5.71 21.39
C VAL B 193 -10.21 -6.74 21.44
N GLU B 194 -10.47 -7.89 22.06
CA GLU B 194 -9.41 -8.87 22.25
C GLU B 194 -9.05 -9.64 20.97
N ASN B 195 -10.03 -10.06 20.19
CA ASN B 195 -9.80 -11.04 19.14
C ASN B 195 -10.21 -10.55 17.75
N THR B 196 -9.90 -9.31 17.41
CA THR B 196 -10.24 -8.80 16.09
C THR B 196 -9.19 -7.78 15.66
N ASP B 197 -8.98 -7.69 14.34
CA ASP B 197 -7.96 -6.81 13.78
C ASP B 197 -8.52 -5.51 13.23
N GLU B 198 -9.79 -5.47 12.87
CA GLU B 198 -10.43 -4.24 12.41
C GLU B 198 -11.93 -4.41 12.49
N THR B 199 -12.63 -3.28 12.58
CA THR B 199 -14.06 -3.31 12.87
C THR B 199 -14.71 -2.05 12.33
N TYR B 200 -15.87 -2.20 11.67
CA TYR B 200 -16.62 -1.07 11.13
C TYR B 200 -17.84 -0.88 12.03
N CYS B 201 -17.68 -0.07 13.07
CA CYS B 201 -18.71 0.09 14.10
C CYS B 201 -19.89 0.86 13.53
N ILE B 202 -20.94 0.16 13.18
CA ILE B 202 -22.17 0.77 12.68
C ILE B 202 -23.09 1.00 13.87
N ASP B 203 -23.81 2.11 13.86
CA ASP B 203 -24.71 2.47 14.94
C ASP B 203 -26.14 2.57 14.42
N ASN B 204 -27.06 1.89 15.09
CA ASN B 204 -28.47 2.01 14.74
C ASN B 204 -28.99 3.41 15.04
N GLU B 205 -28.48 4.04 16.10
CA GLU B 205 -28.86 5.42 16.39
C GLU B 205 -28.46 6.34 15.25
N ALA B 206 -27.26 6.16 14.71
CA ALA B 206 -26.81 6.99 13.60
C ALA B 206 -27.68 6.78 12.37
N LEU B 207 -28.01 5.53 12.05
CA LEU B 207 -28.87 5.28 10.90
C LEU B 207 -30.25 5.89 11.08
N TYR B 208 -30.82 5.77 12.28
CA TYR B 208 -32.10 6.40 12.55
C TYR B 208 -32.03 7.90 12.37
N ASP B 209 -30.94 8.51 12.86
CA ASP B 209 -30.77 9.95 12.74
C ASP B 209 -30.69 10.37 11.27
N ILE B 210 -29.89 9.66 10.47
CA ILE B 210 -29.80 10.00 9.05
C ILE B 210 -31.14 9.83 8.36
N CYS B 211 -31.87 8.75 8.68
CA CYS B 211 -33.14 8.50 8.02
C CYS B 211 -34.17 9.57 8.38
N PHE B 212 -34.16 10.06 9.62
CA PHE B 212 -35.18 11.00 10.06
C PHE B 212 -34.81 12.45 9.73
N ARG B 213 -33.67 12.92 10.25
CA ARG B 213 -33.31 14.33 10.09
C ARG B 213 -33.09 14.70 8.63
N THR B 214 -32.45 13.81 7.87
CA THR B 214 -32.08 14.12 6.49
C THR B 214 -33.14 13.64 5.50
N LEU B 215 -33.42 12.34 5.48
CA LEU B 215 -34.24 11.76 4.43
C LEU B 215 -35.71 12.17 4.53
N LYS B 216 -36.12 12.82 5.63
CA LYS B 216 -37.48 13.31 5.82
C LYS B 216 -38.47 12.15 5.69
N LEU B 217 -38.38 11.25 6.65
CA LEU B 217 -39.19 10.04 6.67
C LEU B 217 -39.67 9.78 8.09
N THR B 218 -40.66 8.89 8.20
CA THR B 218 -41.01 8.34 9.50
C THR B 218 -40.06 7.22 9.93
N THR B 219 -39.15 6.81 9.04
CA THR B 219 -38.08 5.86 9.29
C THR B 219 -38.57 4.54 9.88
N PRO B 220 -39.46 3.82 9.21
CA PRO B 220 -39.91 2.54 9.76
C PRO B 220 -39.11 1.35 9.22
N THR B 221 -39.31 0.18 9.83
CA THR B 221 -38.79 -1.08 9.33
C THR B 221 -37.28 -1.10 9.21
N TYR B 222 -36.75 -2.21 8.67
CA TYR B 222 -35.32 -2.38 8.47
C TYR B 222 -34.90 -2.19 7.02
N GLY B 223 -35.84 -1.88 6.13
CA GLY B 223 -35.49 -1.80 4.71
C GLY B 223 -34.52 -0.67 4.41
N ASP B 224 -34.84 0.54 4.86
CA ASP B 224 -33.98 1.69 4.58
C ASP B 224 -32.66 1.59 5.33
N LEU B 225 -32.69 1.12 6.59
CA LEU B 225 -31.46 0.97 7.35
C LEU B 225 -30.52 -0.02 6.68
N ASN B 226 -31.03 -1.17 6.26
CA ASN B 226 -30.20 -2.14 5.57
C ASN B 226 -29.77 -1.64 4.20
N HIS B 227 -30.59 -0.81 3.54
CA HIS B 227 -30.15 -0.20 2.29
C HIS B 227 -28.92 0.67 2.50
N LEU B 228 -28.96 1.51 3.54
CA LEU B 228 -27.80 2.37 3.84
C LEU B 228 -26.58 1.53 4.22
N VAL B 229 -26.80 0.49 5.02
CA VAL B 229 -25.68 -0.36 5.44
C VAL B 229 -25.07 -1.06 4.23
N SER B 230 -25.90 -1.52 3.29
CA SER B 230 -25.41 -2.14 2.08
C SER B 230 -24.58 -1.16 1.25
N LEU B 231 -25.07 0.08 1.12
CA LEU B 231 -24.31 1.09 0.39
C LEU B 231 -22.95 1.32 1.03
N THR B 232 -22.91 1.44 2.35
CA THR B 232 -21.63 1.65 3.02
C THR B 232 -20.70 0.45 2.86
N MET B 233 -21.24 -0.76 2.94
CA MET B 233 -20.40 -1.95 2.78
C MET B 233 -19.80 -2.00 1.37
N SER B 234 -20.61 -1.69 0.36
CA SER B 234 -20.10 -1.63 -1.00
C SER B 234 -19.01 -0.56 -1.11
N GLY B 235 -19.24 0.60 -0.52
CA GLY B 235 -18.24 1.66 -0.59
C GLY B 235 -16.93 1.25 0.06
N VAL B 236 -16.99 0.65 1.24
CA VAL B 236 -15.76 0.33 1.96
C VAL B 236 -15.01 -0.80 1.27
N THR B 237 -15.71 -1.78 0.71
CA THR B 237 -15.02 -2.87 0.02
C THR B 237 -14.74 -2.57 -1.45
N THR B 238 -15.09 -1.38 -1.93
CA THR B 238 -14.76 -0.99 -3.31
C THR B 238 -13.29 -1.20 -3.63
N CYS B 239 -12.40 -0.85 -2.70
CA CYS B 239 -10.97 -0.99 -2.97
C CYS B 239 -10.58 -2.45 -3.12
N LEU B 240 -11.12 -3.33 -2.29
CA LEU B 240 -10.75 -4.74 -2.37
C LEU B 240 -11.35 -5.44 -3.57
N ARG B 241 -12.55 -5.03 -4.00
CA ARG B 241 -13.21 -5.74 -5.09
C ARG B 241 -12.62 -5.39 -6.45
N PHE B 242 -12.20 -4.15 -6.66
CA PHE B 242 -11.76 -3.72 -7.98
C PHE B 242 -10.28 -3.43 -7.97
N PRO B 243 -9.61 -3.54 -9.13
CA PRO B 243 -8.16 -3.32 -9.17
C PRO B 243 -7.80 -1.90 -8.72
N GLY B 244 -6.71 -1.81 -7.97
CA GLY B 244 -6.27 -0.54 -7.43
C GLY B 244 -5.02 -0.70 -6.62
N GLN B 245 -4.55 0.42 -6.06
CA GLN B 245 -3.30 0.43 -5.32
C GLN B 245 -3.46 0.70 -3.83
N LEU B 246 -4.48 1.44 -3.42
CA LEU B 246 -4.69 1.75 -2.02
C LEU B 246 -5.49 0.63 -1.37
N ASN B 247 -4.94 0.05 -0.29
CA ASN B 247 -5.56 -1.05 0.42
C ASN B 247 -5.90 -2.19 -0.54
N ALA B 248 -4.86 -2.68 -1.23
CA ALA B 248 -5.07 -3.73 -2.22
C ALA B 248 -5.68 -4.97 -1.60
N ASP B 249 -5.43 -5.21 -0.31
CA ASP B 249 -5.98 -6.36 0.38
C ASP B 249 -6.20 -5.99 1.84
N LEU B 250 -6.74 -6.95 2.60
CA LEU B 250 -7.12 -6.66 3.99
C LEU B 250 -5.92 -6.32 4.86
N ARG B 251 -4.81 -7.04 4.70
CA ARG B 251 -3.65 -6.79 5.56
C ARG B 251 -3.05 -5.42 5.29
N LYS B 252 -2.95 -5.02 4.03
CA LYS B 252 -2.46 -3.67 3.72
C LYS B 252 -3.38 -2.62 4.29
N LEU B 253 -4.70 -2.86 4.23
CA LEU B 253 -5.66 -1.95 4.82
C LEU B 253 -5.44 -1.80 6.32
N ALA B 254 -5.26 -2.92 7.01
CA ALA B 254 -5.07 -2.87 8.47
C ALA B 254 -3.76 -2.20 8.82
N VAL B 255 -2.70 -2.47 8.05
CA VAL B 255 -1.42 -1.81 8.31
C VAL B 255 -1.55 -0.31 8.11
N ASN B 256 -2.24 0.11 7.04
CA ASN B 256 -2.43 1.53 6.78
C ASN B 256 -3.25 2.20 7.86
N MET B 257 -4.33 1.57 8.33
CA MET B 257 -5.35 2.27 9.10
C MET B 257 -5.25 2.06 10.61
N VAL B 258 -4.68 0.96 11.09
CA VAL B 258 -4.71 0.66 12.51
C VAL B 258 -3.33 0.76 13.14
N PRO B 259 -3.02 1.84 13.84
CA PRO B 259 -1.93 1.80 14.82
C PRO B 259 -2.48 1.37 16.17
N PHE B 260 -1.55 1.02 17.08
CA PHE B 260 -1.94 0.78 18.46
C PHE B 260 -3.00 -0.31 18.58
N PRO B 261 -2.63 -1.59 18.45
CA PRO B 261 -3.65 -2.65 18.43
C PRO B 261 -4.52 -2.59 19.66
N ARG B 262 -5.75 -3.07 19.51
CA ARG B 262 -6.93 -2.94 20.38
C ARG B 262 -7.58 -1.58 20.20
N LEU B 263 -7.12 -0.78 19.23
CA LEU B 263 -7.69 0.53 18.95
C LEU B 263 -8.09 0.57 17.49
N HIS B 264 -8.87 -0.43 17.06
CA HIS B 264 -9.16 -0.62 15.65
C HIS B 264 -10.65 -0.53 15.35
N PHE B 265 -11.34 0.47 15.90
CA PHE B 265 -12.76 0.66 15.66
C PHE B 265 -12.96 1.87 14.76
N PHE B 266 -13.72 1.69 13.69
CA PHE B 266 -13.75 2.64 12.59
C PHE B 266 -15.10 3.34 12.48
N MET B 267 -15.05 4.60 12.04
CA MET B 267 -16.24 5.38 11.76
C MET B 267 -16.46 5.42 10.26
N PRO B 268 -17.47 4.75 9.73
CA PRO B 268 -17.76 4.83 8.29
C PRO B 268 -18.50 6.12 7.96
N GLY B 269 -18.56 6.40 6.66
CA GLY B 269 -19.31 7.53 6.16
C GLY B 269 -19.55 7.41 4.69
N PHE B 270 -20.73 7.83 4.20
CA PHE B 270 -21.08 7.64 2.82
C PHE B 270 -21.79 8.89 2.30
N ALA B 271 -21.67 9.12 1.00
CA ALA B 271 -22.41 10.21 0.37
C ALA B 271 -22.50 9.91 -1.11
N PRO B 272 -23.57 10.37 -1.79
CA PRO B 272 -24.74 11.06 -1.24
C PRO B 272 -25.70 10.11 -0.52
N LEU B 273 -26.71 10.69 0.12
CA LEU B 273 -27.73 9.93 0.81
C LEU B 273 -28.99 9.89 -0.03
N THR B 274 -29.58 8.72 -0.16
CA THR B 274 -30.79 8.55 -0.98
C THR B 274 -31.90 7.88 -0.19
N LEU B 284 -23.86 16.18 -9.42
CA LEU B 284 -23.51 16.67 -8.09
C LEU B 284 -22.00 16.79 -7.99
N THR B 285 -21.52 18.02 -7.79
CA THR B 285 -20.12 18.34 -8.02
C THR B 285 -19.20 17.66 -6.99
N VAL B 286 -17.92 17.61 -7.35
CA VAL B 286 -16.92 17.05 -6.44
C VAL B 286 -16.78 17.85 -5.14
N PRO B 287 -16.66 19.19 -5.17
CA PRO B 287 -16.39 19.90 -3.91
C PRO B 287 -17.40 19.64 -2.82
N GLU B 288 -18.68 19.55 -3.17
CA GLU B 288 -19.68 19.27 -2.15
C GLU B 288 -19.58 17.82 -1.66
N LEU B 289 -19.17 16.89 -2.53
CA LEU B 289 -18.87 15.54 -2.06
C LEU B 289 -17.77 15.57 -1.00
N THR B 290 -16.67 16.27 -1.30
CA THR B 290 -15.55 16.30 -0.36
C THR B 290 -15.96 16.96 0.95
N GLN B 291 -16.75 18.02 0.88
CA GLN B 291 -17.20 18.68 2.09
C GLN B 291 -18.14 17.79 2.90
N GLN B 292 -19.05 17.08 2.22
CA GLN B 292 -20.06 16.30 2.92
C GLN B 292 -19.50 15.05 3.54
N MET B 293 -18.56 14.37 2.87
CA MET B 293 -18.11 13.07 3.33
C MET B 293 -17.46 13.16 4.71
N PHE B 294 -16.87 14.29 5.04
CA PHE B 294 -16.34 14.52 6.38
C PHE B 294 -17.39 14.99 7.37
N ASP B 295 -18.54 15.43 6.89
CA ASP B 295 -19.50 16.11 7.74
C ASP B 295 -20.13 15.16 8.76
N ALA B 296 -20.55 15.73 9.89
CA ALA B 296 -21.20 14.94 10.93
C ALA B 296 -22.52 14.35 10.48
N LYS B 297 -23.16 14.94 9.47
CA LYS B 297 -24.43 14.46 8.96
C LYS B 297 -24.29 13.23 8.08
N ASN B 298 -23.11 12.62 8.02
CA ASN B 298 -22.88 11.53 7.09
C ASN B 298 -22.08 10.40 7.73
N MET B 299 -22.18 10.22 9.05
CA MET B 299 -21.45 9.18 9.75
C MET B 299 -22.42 8.10 10.19
N MET B 300 -22.11 6.84 9.83
CA MET B 300 -22.89 5.71 10.29
C MET B 300 -22.62 5.35 11.75
N ALA B 301 -21.63 5.98 12.37
CA ALA B 301 -21.42 5.89 13.81
C ALA B 301 -21.80 7.22 14.41
N ALA B 302 -22.75 7.21 15.35
CA ALA B 302 -23.38 8.44 15.82
C ALA B 302 -22.41 9.24 16.67
N CYS B 303 -21.86 10.31 16.11
CA CYS B 303 -20.99 11.22 16.86
C CYS B 303 -20.74 12.44 16.00
N ASP B 304 -20.00 13.39 16.59
CA ASP B 304 -19.47 14.52 15.84
C ASP B 304 -18.01 14.27 15.58
N PRO B 305 -17.58 14.10 14.32
CA PRO B 305 -16.15 13.90 14.05
C PRO B 305 -15.28 15.08 14.46
N ARG B 306 -15.87 16.26 14.62
CA ARG B 306 -15.13 17.41 15.11
C ARG B 306 -15.02 17.43 16.63
N HIS B 307 -15.68 16.51 17.34
CA HIS B 307 -15.47 16.34 18.77
C HIS B 307 -14.26 15.48 19.09
N GLY B 308 -13.62 14.91 18.08
CA GLY B 308 -12.43 14.11 18.28
C GLY B 308 -11.41 14.38 17.18
N ARG B 309 -10.26 13.73 17.31
CA ARG B 309 -9.17 13.88 16.36
C ARG B 309 -8.94 12.56 15.65
N TYR B 310 -8.99 12.59 14.31
CA TYR B 310 -8.79 11.37 13.54
C TYR B 310 -7.35 10.89 13.68
N LEU B 311 -7.18 9.58 13.76
CA LEU B 311 -5.84 9.01 13.70
C LEU B 311 -5.47 8.60 12.28
N THR B 312 -6.37 7.92 11.57
CA THR B 312 -6.14 7.59 10.17
C THR B 312 -7.43 7.76 9.39
N VAL B 313 -7.30 8.03 8.09
CA VAL B 313 -8.46 8.28 7.23
C VAL B 313 -8.19 7.68 5.86
N ALA B 314 -9.20 6.99 5.32
CA ALA B 314 -9.17 6.49 3.95
C ALA B 314 -10.39 7.02 3.22
N ALA B 315 -10.18 7.73 2.13
CA ALA B 315 -11.24 8.36 1.36
C ALA B 315 -11.27 7.77 -0.04
N ILE B 316 -12.40 7.19 -0.42
CA ILE B 316 -12.54 6.47 -1.68
C ILE B 316 -13.60 7.18 -2.51
N PHE B 317 -13.21 7.63 -3.70
CA PHE B 317 -14.15 8.25 -4.62
C PHE B 317 -14.51 7.27 -5.73
N ARG B 318 -15.76 7.31 -6.17
CA ARG B 318 -16.23 6.41 -7.22
C ARG B 318 -17.01 7.21 -8.25
N GLY B 319 -16.74 6.93 -9.53
CA GLY B 319 -17.39 7.57 -10.65
C GLY B 319 -16.37 8.12 -11.61
N ARG B 320 -16.82 9.01 -12.49
CA ARG B 320 -15.94 9.71 -13.42
C ARG B 320 -15.72 11.12 -12.90
N MET B 321 -14.47 11.47 -12.65
CA MET B 321 -14.14 12.76 -12.08
C MET B 321 -12.68 13.08 -12.38
N SER B 322 -12.34 14.37 -12.33
CA SER B 322 -10.98 14.80 -12.58
C SER B 322 -10.11 14.53 -11.35
N MET B 323 -8.90 14.01 -11.59
CA MET B 323 -8.00 13.68 -10.50
C MET B 323 -7.40 14.93 -9.87
N LYS B 324 -7.08 15.94 -10.70
CA LYS B 324 -6.50 17.16 -10.16
C LYS B 324 -7.45 17.86 -9.21
N GLU B 325 -8.74 17.88 -9.55
CA GLU B 325 -9.72 18.54 -8.69
C GLU B 325 -9.84 17.85 -7.35
N VAL B 326 -9.92 16.51 -7.35
CA VAL B 326 -10.08 15.80 -6.09
C VAL B 326 -8.81 15.90 -5.26
N ASP B 327 -7.64 15.88 -5.90
CA ASP B 327 -6.40 16.06 -5.15
C ASP B 327 -6.34 17.44 -4.51
N GLU B 328 -6.70 18.47 -5.28
CA GLU B 328 -6.70 19.83 -4.75
C GLU B 328 -7.65 19.95 -3.57
N GLN B 329 -8.85 19.38 -3.70
CA GLN B 329 -9.85 19.55 -2.64
C GLN B 329 -9.48 18.73 -1.40
N MET B 330 -8.89 17.56 -1.58
CA MET B 330 -8.43 16.79 -0.41
C MET B 330 -7.30 17.52 0.30
N LEU B 331 -6.37 18.10 -0.46
CA LEU B 331 -5.33 18.91 0.16
C LEU B 331 -5.94 20.09 0.91
N ASN B 332 -6.94 20.74 0.31
CA ASN B 332 -7.58 21.88 0.96
C ASN B 332 -8.25 21.46 2.26
N ILE B 333 -8.95 20.33 2.26
CA ILE B 333 -9.64 19.88 3.46
C ILE B 333 -8.62 19.53 4.55
N GLN B 334 -7.54 18.84 4.17
CA GLN B 334 -6.51 18.54 5.16
C GLN B 334 -5.87 19.80 5.71
N ASN B 335 -5.76 20.84 4.89
CA ASN B 335 -5.16 22.10 5.36
C ASN B 335 -6.11 22.83 6.30
N LYS B 336 -7.38 22.95 5.92
CA LYS B 336 -8.33 23.72 6.72
C LYS B 336 -8.57 23.07 8.07
N ASN B 337 -8.85 21.76 8.07
CA ASN B 337 -9.18 21.03 9.29
C ASN B 337 -7.96 20.40 9.93
N SER B 338 -6.78 21.00 9.76
CA SER B 338 -5.55 20.42 10.28
C SER B 338 -5.53 20.37 11.80
N SER B 339 -6.45 21.08 12.45
CA SER B 339 -6.59 20.95 13.89
C SER B 339 -6.99 19.53 14.30
N TYR B 340 -7.86 18.89 13.51
CA TYR B 340 -8.42 17.61 13.87
C TYR B 340 -7.58 16.43 13.44
N PHE B 341 -6.59 16.63 12.57
CA PHE B 341 -5.69 15.57 12.16
C PHE B 341 -4.46 15.60 13.05
N VAL B 342 -4.13 14.45 13.65
CA VAL B 342 -2.98 14.41 14.55
C VAL B 342 -1.71 14.70 13.77
N GLU B 343 -0.84 15.52 14.36
CA GLU B 343 0.38 15.94 13.70
C GLU B 343 1.53 14.94 13.84
N TRP B 344 1.35 13.89 14.63
CA TRP B 344 2.40 12.89 14.83
C TRP B 344 2.19 11.66 13.97
N ILE B 345 1.31 11.73 12.99
CA ILE B 345 1.17 10.70 11.97
C ILE B 345 1.27 11.37 10.60
N PRO B 346 2.47 11.53 10.05
CA PRO B 346 2.61 12.25 8.77
C PRO B 346 1.82 11.60 7.65
N ASN B 347 1.09 12.43 6.90
CA ASN B 347 0.29 11.98 5.77
C ASN B 347 -0.62 10.82 6.17
N ASN B 348 -1.53 11.10 7.08
CA ASN B 348 -2.44 10.09 7.61
C ASN B 348 -3.75 10.02 6.84
N VAL B 349 -3.91 10.78 5.78
CA VAL B 349 -5.12 10.74 4.95
C VAL B 349 -4.75 10.14 3.61
N LYS B 350 -5.30 8.97 3.32
CA LYS B 350 -5.06 8.26 2.07
C LYS B 350 -6.27 8.41 1.17
N THR B 351 -6.02 8.49 -0.14
CA THR B 351 -7.05 8.79 -1.12
C THR B 351 -6.99 7.80 -2.26
N ALA B 352 -8.14 7.23 -2.62
CA ALA B 352 -8.26 6.32 -3.75
C ALA B 352 -9.39 6.79 -4.65
N VAL B 353 -9.24 6.54 -5.94
CA VAL B 353 -10.28 6.87 -6.92
C VAL B 353 -10.51 5.66 -7.83
N CYS B 354 -11.77 5.22 -7.92
CA CYS B 354 -12.17 4.11 -8.74
C CYS B 354 -13.14 4.59 -9.82
N ASP B 355 -13.18 3.86 -10.93
CA ASP B 355 -13.97 4.32 -12.07
C ASP B 355 -15.43 3.87 -11.98
N ILE B 356 -15.69 2.69 -11.43
CA ILE B 356 -17.03 2.13 -11.44
C ILE B 356 -17.87 2.75 -10.32
N PRO B 357 -18.97 3.41 -10.66
CA PRO B 357 -19.85 3.94 -9.63
C PRO B 357 -20.79 2.84 -9.13
N PRO B 358 -21.35 3.01 -7.94
CA PRO B 358 -22.31 2.01 -7.44
C PRO B 358 -23.61 2.06 -8.23
N ARG B 359 -24.41 1.01 -8.06
CA ARG B 359 -25.64 0.86 -8.83
C ARG B 359 -26.61 1.98 -8.49
N GLY B 360 -27.06 2.69 -9.53
CA GLY B 360 -28.02 3.77 -9.37
C GLY B 360 -27.43 5.11 -9.05
N LEU B 361 -26.16 5.17 -8.68
CA LEU B 361 -25.50 6.42 -8.35
C LEU B 361 -24.42 6.72 -9.38
N LYS B 362 -24.28 8.00 -9.71
CA LYS B 362 -23.27 8.43 -10.69
C LYS B 362 -21.96 8.81 -10.02
N MET B 363 -22.02 9.69 -9.03
CA MET B 363 -20.84 10.19 -8.33
C MET B 363 -21.00 9.86 -6.85
N SER B 364 -20.04 9.15 -6.27
CA SER B 364 -20.18 8.68 -4.91
C SER B 364 -18.87 8.84 -4.15
N ALA B 365 -18.98 9.00 -2.84
CA ALA B 365 -17.82 9.16 -1.98
C ALA B 365 -18.01 8.33 -0.72
N THR B 366 -16.93 7.71 -0.27
CA THR B 366 -16.94 6.85 0.91
C THR B 366 -15.76 7.23 1.79
N PHE B 367 -15.95 7.09 3.09
CA PHE B 367 -14.98 7.54 4.08
C PHE B 367 -14.88 6.48 5.15
N ILE B 368 -13.66 6.11 5.53
CA ILE B 368 -13.43 5.23 6.67
C ILE B 368 -12.42 5.92 7.56
N GLY B 369 -12.81 6.26 8.78
CA GLY B 369 -11.89 6.97 9.63
C GLY B 369 -11.68 6.36 10.99
N ASN B 370 -10.44 6.00 11.30
CA ASN B 370 -10.09 5.66 12.67
C ASN B 370 -9.87 6.97 13.42
N SER B 371 -10.82 7.30 14.29
CA SER B 371 -10.86 8.57 15.00
C SER B 371 -11.10 8.29 16.48
N THR B 372 -10.66 9.22 17.32
CA THR B 372 -10.86 9.07 18.76
C THR B 372 -12.30 9.33 19.16
N ALA B 373 -13.10 9.96 18.29
CA ALA B 373 -14.48 10.27 18.64
C ALA B 373 -15.27 9.02 18.98
N ILE B 374 -14.88 7.86 18.42
CA ILE B 374 -15.55 6.60 18.69
C ILE B 374 -15.64 6.35 20.18
N GLN B 375 -14.74 6.96 20.95
CA GLN B 375 -14.74 6.73 22.39
C GLN B 375 -16.10 7.09 22.99
N GLU B 376 -16.70 8.22 22.57
CA GLU B 376 -17.94 8.62 23.20
C GLU B 376 -19.03 7.61 22.93
N LEU B 377 -18.91 6.86 21.83
CA LEU B 377 -19.85 5.78 21.58
C LEU B 377 -19.80 4.75 22.69
N PHE B 378 -18.60 4.25 22.99
CA PHE B 378 -18.49 3.23 24.03
C PHE B 378 -18.94 3.78 25.37
N LYS B 379 -18.56 5.03 25.68
CA LYS B 379 -19.07 5.68 26.88
C LYS B 379 -20.59 5.59 26.96
N ARG B 380 -21.26 5.91 25.85
CA ARG B 380 -22.71 5.74 25.80
C ARG B 380 -23.09 4.34 26.24
N ILE B 381 -22.57 3.33 25.55
CA ILE B 381 -22.86 1.95 25.95
C ILE B 381 -22.47 1.74 27.39
N SER B 382 -21.32 2.29 27.80
CA SER B 382 -20.89 2.15 29.18
C SER B 382 -21.99 2.59 30.13
N GLU B 383 -22.56 3.77 29.91
CA GLU B 383 -23.56 4.27 30.84
C GLU B 383 -24.76 3.35 30.87
N GLN B 384 -25.15 2.81 29.72
CA GLN B 384 -26.27 1.89 29.69
C GLN B 384 -25.98 0.67 30.55
N PHE B 385 -24.76 0.14 30.46
CA PHE B 385 -24.38 -0.96 31.33
C PHE B 385 -24.43 -0.51 32.79
N THR B 386 -23.94 0.68 33.08
CA THR B 386 -24.01 1.20 34.44
C THR B 386 -25.45 1.33 34.90
N ALA B 387 -26.38 1.52 33.96
CA ALA B 387 -27.77 1.66 34.33
C ALA B 387 -28.38 0.34 34.79
N MET B 388 -27.79 -0.78 34.40
CA MET B 388 -28.35 -2.08 34.75
C MET B 388 -27.48 -2.94 35.65
N PHE B 389 -26.18 -3.01 35.38
CA PHE B 389 -25.32 -3.90 36.14
C PHE B 389 -25.28 -3.52 37.62
N ARG B 390 -25.23 -2.22 37.91
CA ARG B 390 -25.24 -1.78 39.30
C ARG B 390 -26.58 -2.06 39.97
N ARG B 391 -27.63 -2.29 39.19
CA ARG B 391 -28.95 -2.64 39.71
C ARG B 391 -29.19 -4.14 39.72
N LYS B 392 -28.19 -4.94 39.32
CA LYS B 392 -28.32 -6.39 39.22
C LYS B 392 -29.49 -6.79 38.33
N ALA B 393 -29.67 -6.07 37.23
CA ALA B 393 -30.79 -6.30 36.33
C ALA B 393 -30.53 -7.55 35.50
N PHE B 394 -31.45 -8.51 35.58
CA PHE B 394 -31.40 -9.73 34.77
C PHE B 394 -30.09 -10.48 34.94
N LEU B 395 -29.49 -10.43 36.13
CA LEU B 395 -28.19 -11.07 36.31
C LEU B 395 -28.29 -12.58 36.20
N HIS B 396 -29.30 -13.19 36.82
CA HIS B 396 -29.38 -14.65 36.84
C HIS B 396 -29.67 -15.23 35.46
N TRP B 397 -30.16 -14.42 34.53
CA TRP B 397 -30.36 -14.89 33.16
C TRP B 397 -29.07 -15.41 32.55
N TYR B 398 -27.92 -14.93 33.03
CA TYR B 398 -26.62 -15.39 32.59
C TYR B 398 -25.98 -16.34 33.58
N THR B 399 -26.09 -16.06 34.89
CA THR B 399 -25.49 -16.93 35.89
C THR B 399 -26.09 -18.34 35.85
N GLY B 400 -27.35 -18.46 35.42
CA GLY B 400 -27.91 -19.77 35.24
C GLY B 400 -27.51 -20.47 33.97
N GLU B 401 -26.72 -19.82 33.12
CA GLU B 401 -26.32 -20.36 31.83
C GLU B 401 -24.80 -20.48 31.74
N GLY B 402 -24.17 -20.84 32.85
CA GLY B 402 -22.73 -21.00 32.87
C GLY B 402 -21.94 -19.72 32.66
N MET B 403 -22.45 -18.61 33.20
CA MET B 403 -21.78 -17.32 33.14
C MET B 403 -21.56 -16.81 34.55
N ASP B 404 -20.46 -16.07 34.74
CA ASP B 404 -20.12 -15.52 36.05
C ASP B 404 -20.00 -14.01 35.95
N GLU B 405 -20.28 -13.34 37.07
CA GLU B 405 -20.22 -11.89 37.14
C GLU B 405 -18.83 -11.35 36.84
N MET B 406 -17.80 -12.18 37.01
CA MET B 406 -16.44 -11.74 36.76
C MET B 406 -16.24 -11.34 35.32
N GLU B 407 -16.87 -12.04 34.38
CA GLU B 407 -16.77 -11.67 32.98
C GLU B 407 -17.42 -10.32 32.73
N PHE B 408 -18.56 -10.05 33.37
CA PHE B 408 -19.18 -8.73 33.25
C PHE B 408 -18.26 -7.64 33.77
N THR B 409 -17.67 -7.86 34.94
CA THR B 409 -16.79 -6.83 35.52
C THR B 409 -15.57 -6.60 34.64
N GLU B 410 -14.96 -7.68 34.14
CA GLU B 410 -13.78 -7.50 33.31
C GLU B 410 -14.11 -6.86 31.97
N ALA B 411 -15.29 -7.16 31.41
CA ALA B 411 -15.70 -6.49 30.18
C ALA B 411 -15.91 -5.00 30.40
N GLU B 412 -16.56 -4.64 31.51
CA GLU B 412 -16.70 -3.22 31.84
C GLU B 412 -15.34 -2.55 31.98
N SER B 413 -14.41 -3.22 32.68
CA SER B 413 -13.10 -2.65 32.89
C SER B 413 -12.35 -2.46 31.57
N ASN B 414 -12.43 -3.45 30.67
CA ASN B 414 -11.73 -3.33 29.40
C ASN B 414 -12.33 -2.24 28.53
N MET B 415 -13.65 -2.10 28.53
CA MET B 415 -14.27 -1.03 27.75
C MET B 415 -13.89 0.34 28.31
N ASN B 416 -13.85 0.47 29.63
CA ASN B 416 -13.42 1.73 30.23
C ASN B 416 -11.96 2.03 29.91
N ASP B 417 -11.12 1.00 29.90
CA ASP B 417 -9.72 1.18 29.55
C ASP B 417 -9.58 1.59 28.09
N LEU B 418 -10.43 1.05 27.22
CA LEU B 418 -10.45 1.48 25.83
C LEU B 418 -10.83 2.94 25.70
N VAL B 419 -11.83 3.37 26.46
CA VAL B 419 -12.20 4.79 26.46
C VAL B 419 -11.03 5.65 26.91
N SER B 420 -10.33 5.20 27.95
CA SER B 420 -9.17 5.95 28.45
C SER B 420 -8.08 6.03 27.39
N GLU B 421 -7.86 4.92 26.67
CA GLU B 421 -6.84 4.92 25.62
C GLU B 421 -7.18 5.94 24.54
N TYR B 422 -8.44 5.93 24.08
CA TYR B 422 -8.83 6.87 23.03
C TYR B 422 -8.69 8.30 23.52
N GLN B 423 -9.08 8.59 24.76
CA GLN B 423 -8.92 9.94 25.29
C GLN B 423 -7.45 10.33 25.35
N GLN B 424 -6.59 9.42 25.80
CA GLN B 424 -5.17 9.74 25.93
C GLN B 424 -4.57 10.06 24.57
N TYR B 425 -4.90 9.26 23.55
CA TYR B 425 -4.34 9.55 22.23
C TYR B 425 -5.02 10.75 21.58
N GLN B 426 -6.20 11.14 22.04
CA GLN B 426 -6.79 12.39 21.58
C GLN B 426 -6.06 13.58 22.16
N GLU B 427 -5.69 13.51 23.44
CA GLU B 427 -5.07 14.64 24.11
C GLU B 427 -3.58 14.77 23.85
N ALA B 428 -2.93 13.75 23.29
CA ALA B 428 -1.49 13.77 23.13
C ALA B 428 -1.08 14.77 22.05
N THR B 429 0.17 15.21 22.13
CA THR B 429 0.72 16.19 21.20
C THR B 429 2.14 15.79 20.84
N ALA B 430 2.64 16.38 19.76
CA ALA B 430 4.00 16.11 19.31
C ALA B 430 5.02 16.71 20.26
PG GTP C . 4.80 -4.97 -0.51
O1G GTP C . 4.15 -6.04 -1.35
O2G GTP C . 5.27 -5.58 0.78
O3G GTP C . 3.82 -3.87 -0.24
O3B GTP C . 6.04 -4.39 -1.34
PB GTP C . 5.75 -3.66 -2.74
O1B GTP C . 6.78 -4.08 -3.74
O2B GTP C . 4.36 -3.99 -3.22
O3A GTP C . 5.89 -2.09 -2.41
PA GTP C . 6.57 -1.11 -3.47
O1A GTP C . 7.90 -1.65 -3.93
O2A GTP C . 5.62 -0.87 -4.62
O5' GTP C . 6.82 0.27 -2.70
C5' GTP C . 5.77 1.20 -2.55
C4' GTP C . 6.21 2.54 -3.11
O4' GTP C . 6.79 2.39 -4.39
C3' GTP C . 5.03 3.46 -3.28
O3' GTP C . 4.94 4.35 -2.20
C2' GTP C . 5.32 4.23 -4.54
O2' GTP C . 5.75 5.53 -4.19
C1' GTP C . 6.45 3.48 -5.22
N9 GTP C . 5.97 2.96 -6.52
C8 GTP C . 4.87 2.17 -6.70
N7 GTP C . 4.75 1.89 -8.01
C5 GTP C . 5.75 2.48 -8.67
C6 GTP C . 6.09 2.52 -10.02
O6 GTP C . 5.40 1.92 -10.84
N1 GTP C . 7.19 3.22 -10.42
C2 GTP C . 7.95 3.89 -9.50
N2 GTP C . 9.02 4.57 -9.89
N3 GTP C . 7.62 3.85 -8.16
C4 GTP C . 6.53 3.16 -7.75
MG MG D . 3.82 -5.72 -4.15
PG GTP E . -31.22 -13.32 18.31
O1G GTP E . -32.58 -12.69 18.44
O2G GTP E . -31.33 -14.80 18.60
O3G GTP E . -30.27 -12.69 19.31
O3B GTP E . -30.67 -13.06 16.82
PB GTP E . -30.97 -11.64 16.13
O1B GTP E . -30.08 -11.46 14.94
O2B GTP E . -32.42 -11.49 15.74
O3A GTP E . -30.58 -10.57 17.27
PA GTP E . -30.37 -9.03 16.84
O1A GTP E . -28.91 -8.69 16.92
O2A GTP E . -30.93 -8.78 15.48
O5' GTP E . -31.14 -8.19 17.97
C5' GTP E . -32.08 -7.20 17.62
C4' GTP E . -31.40 -5.91 17.24
O4' GTP E . -30.79 -6.05 15.98
C3' GTP E . -32.43 -4.81 17.10
O3' GTP E . -32.26 -3.85 18.13
C2' GTP E . -32.16 -4.15 15.76
O2' GTP E . -31.83 -2.79 15.94
C1' GTP E . -31.00 -4.92 15.17
N9 GTP E . -31.35 -5.36 13.80
C8 GTP E . -31.82 -6.60 13.46
N7 GTP E . -32.00 -6.62 12.12
C5 GTP E . -31.67 -5.41 11.61
C6 GTP E . -31.68 -4.91 10.32
O6 GTP E . -32.05 -5.61 9.39
N1 GTP E . -31.28 -3.61 10.10
C2 GTP E . -30.87 -2.84 11.15
N2 GTP E . -30.48 -1.58 10.94
N3 GTP E . -30.87 -3.34 12.44
C4 GTP E . -31.26 -4.61 12.66
#